data_4EY6
#
_entry.id   4EY6
#
_cell.length_a   104.975
_cell.length_b   104.975
_cell.length_c   323.400
_cell.angle_alpha   90.00
_cell.angle_beta   90.00
_cell.angle_gamma   120.00
#
_symmetry.space_group_name_H-M   'P 31 2 1'
#
loop_
_entity.id
_entity.type
_entity.pdbx_description
1 polymer Acetylcholinesterase
2 branched 2-acetamido-2-deoxy-beta-D-glucopyranose-(1-4)-[alpha-L-fucopyranose-(1-6)]2-acetamido-2-deoxy-beta-D-glucopyranose
3 non-polymer (-)-GALANTHAMINE
4 non-polymer 1,2-ETHANEDIOL
5 non-polymer 2-acetamido-2-deoxy-beta-D-glucopyranose
6 non-polymer 'NITRATE ION'
7 non-polymer 3,6,9,12,15,18,21-HEPTAOXATRICOSANE-1,23-DIOL
8 water water
#
_entity_poly.entity_id   1
_entity_poly.type   'polypeptide(L)'
_entity_poly.pdbx_seq_one_letter_code
;GREDAELLVTVRGGRLRGIRLKTPGGPVSAFLGIPFAEPPMGPRRFLPPEPKQPWSGVVDATTFQSVCYQYVDTLYPGFE
GTEMWNPNRELSEDCLYLNVWTPYPRPTSPTPVLVWIYGGGFYSGASSLDVYDGRFLVQAERTVLVSMNYRVGAFGFLAL
PGSREAPGNVGLLDQRLALQWVQENVAAFGGDPTSVTLFGESAGAASVGMHLLSPPSRGLFHRAVLQSGAPNGPWATVGM
GEARRRATQLAHLVGCPPGGTGGNDTELVACLRTRPAQVLVNHEWHVLPQESVFRFSFVPVVDGDFLSDTPEALINAGDF
HGLQVLVGVVKDEGSYFLVYGAPGFSKDNESLISRAEFLAGVRVGVPQVSDLAAEAVVLHYTDWLHPEDPARLREALSDV
VGDHNVVCPVAQLAGRLAAQGARVYAYVFEHRASTLSWPLWMGVPHGYEIEFIFGIPLDPSRNYTAEEKIFAQRLMRYWA
NFARTGDPNEPRDPKAPQWPPYTAGAQQYVSLDLRPLEVRRGLRAQACAFWNRFLPKLLSAT
;
_entity_poly.pdbx_strand_id   A,B
#
loop_
_chem_comp.id
_chem_comp.type
_chem_comp.name
_chem_comp.formula
EDO non-polymer 1,2-ETHANEDIOL 'C2 H6 O2'
FUC L-saccharide, alpha linking alpha-L-fucopyranose 'C6 H12 O5'
GNT non-polymer (-)-GALANTHAMINE 'C17 H21 N O3'
NAG D-saccharide, beta linking 2-acetamido-2-deoxy-beta-D-glucopyranose 'C8 H15 N O6'
NO3 non-polymer 'NITRATE ION' 'N O3 -1'
PE8 non-polymer 3,6,9,12,15,18,21-HEPTAOXATRICOSANE-1,23-DIOL 'C16 H34 O9'
#
# COMPACT_ATOMS: atom_id res chain seq x y z
N GLU A 3 6.48 67.35 12.52
CA GLU A 3 5.73 66.38 11.71
C GLU A 3 6.67 65.57 10.82
N ASP A 4 6.58 64.24 10.90
CA ASP A 4 7.50 63.35 10.18
C ASP A 4 7.00 63.05 8.77
N ALA A 5 7.68 63.61 7.77
CA ALA A 5 7.25 63.50 6.38
C ALA A 5 7.38 62.08 5.84
N GLU A 6 8.18 61.26 6.52
CA GLU A 6 8.38 59.87 6.12
C GLU A 6 7.10 59.06 6.29
N LEU A 7 6.22 59.56 7.16
CA LEU A 7 4.97 58.89 7.48
C LEU A 7 3.78 59.50 6.76
N LEU A 8 4.05 60.35 5.78
CA LEU A 8 2.98 60.93 4.96
C LEU A 8 3.13 60.38 3.57
N VAL A 9 2.05 59.82 3.03
CA VAL A 9 2.07 59.21 1.71
C VAL A 9 0.78 59.56 1.00
N THR A 10 0.88 59.79 -0.30
CA THR A 10 -0.29 60.04 -1.11
C THR A 10 -0.44 58.89 -2.09
N VAL A 11 -1.59 58.21 -2.02
CA VAL A 11 -1.89 57.17 -2.98
C VAL A 11 -3.04 57.67 -3.83
N ARG A 12 -3.41 56.90 -4.85
CA ARG A 12 -4.44 57.31 -5.80
C ARG A 12 -5.70 57.82 -5.14
N GLY A 13 -6.13 57.15 -4.08
CA GLY A 13 -7.38 57.53 -3.45
C GLY A 13 -7.27 58.74 -2.54
N GLY A 14 -6.03 59.14 -2.23
CA GLY A 14 -5.83 60.24 -1.29
C GLY A 14 -4.62 60.11 -0.40
N ARG A 15 -4.64 60.87 0.71
CA ARG A 15 -3.48 60.99 1.59
C ARG A 15 -3.56 60.09 2.83
N LEU A 16 -2.39 59.59 3.26
CA LEU A 16 -2.28 58.68 4.40
C LEU A 16 -1.29 59.19 5.43
N ARG A 17 -1.56 58.87 6.69
CA ARG A 17 -0.60 59.09 7.77
C ARG A 17 -0.21 57.75 8.43
N GLY A 18 1.05 57.37 8.30
CA GLY A 18 1.54 56.17 8.94
C GLY A 18 2.06 56.37 10.36
N ILE A 19 2.89 55.43 10.79
CA ILE A 19 3.42 55.39 12.14
C ILE A 19 4.78 54.71 12.09
N ARG A 20 5.70 55.20 12.92
CA ARG A 20 7.03 54.64 13.04
C ARG A 20 6.97 53.51 14.06
N LEU A 21 7.56 52.37 13.72
CA LEU A 21 7.58 51.24 14.63
C LEU A 21 9.02 50.94 15.00
N LYS A 22 9.24 50.47 16.22
CA LYS A 22 10.56 50.06 16.66
C LYS A 22 10.79 48.56 16.46
N THR A 23 12.03 48.19 16.19
CA THR A 23 12.49 46.81 16.21
C THR A 23 13.87 46.85 16.85
N PRO A 24 14.38 45.69 17.29
CA PRO A 24 15.75 45.65 17.82
C PRO A 24 16.82 46.08 16.82
N GLY A 25 16.48 46.15 15.53
CA GLY A 25 17.45 46.56 14.52
C GLY A 25 17.24 47.97 13.98
N GLY A 26 16.34 48.73 14.59
CA GLY A 26 16.03 50.06 14.10
C GLY A 26 14.59 50.23 13.64
N PRO A 27 14.20 51.47 13.37
CA PRO A 27 12.80 51.76 13.03
C PRO A 27 12.35 51.19 11.69
N VAL A 28 11.04 51.19 11.51
CA VAL A 28 10.43 50.72 10.30
C VAL A 28 9.23 51.65 10.12
N SER A 29 8.80 51.86 8.87
CA SER A 29 7.57 52.63 8.66
C SER A 29 6.40 51.70 8.40
N ALA A 30 5.28 51.97 9.05
CA ALA A 30 4.09 51.15 8.88
C ALA A 30 2.87 52.01 8.54
N PHE A 31 2.09 51.52 7.59
CA PHE A 31 0.84 52.14 7.21
C PHE A 31 -0.21 51.06 7.32
N LEU A 32 -1.05 51.19 8.34
CA LEU A 32 -1.96 50.13 8.76
C LEU A 32 -3.39 50.60 8.63
N GLY A 33 -4.26 49.75 8.09
CA GLY A 33 -5.67 50.08 8.00
C GLY A 33 -5.95 51.00 6.81
N ILE A 34 -5.24 50.79 5.71
CA ILE A 34 -5.53 51.51 4.46
C ILE A 34 -6.71 50.86 3.76
N PRO A 35 -7.81 51.60 3.60
CA PRO A 35 -8.98 51.05 2.88
C PRO A 35 -8.68 50.82 1.39
N PHE A 36 -8.98 49.62 0.88
CA PHE A 36 -8.76 49.33 -0.53
C PHE A 36 -10.05 48.96 -1.26
N ALA A 37 -11.14 48.78 -0.51
CA ALA A 37 -12.44 48.56 -1.11
C ALA A 37 -13.50 49.40 -0.41
N GLU A 38 -14.62 49.62 -1.09
CA GLU A 38 -15.81 50.13 -0.44
C GLU A 38 -16.29 49.06 0.55
N PRO A 39 -16.69 49.47 1.76
CA PRO A 39 -17.21 48.49 2.73
C PRO A 39 -18.27 47.57 2.13
N PRO A 40 -18.02 46.25 2.13
CA PRO A 40 -18.95 45.31 1.51
C PRO A 40 -20.12 45.00 2.44
N MET A 41 -20.91 46.04 2.75
CA MET A 41 -22.00 45.93 3.70
C MET A 41 -23.39 46.12 3.09
N GLY A 42 -24.42 45.74 3.84
CA GLY A 42 -25.79 45.90 3.40
C GLY A 42 -26.02 45.18 2.08
N PRO A 43 -26.43 45.93 1.05
CA PRO A 43 -26.64 45.38 -0.29
C PRO A 43 -25.36 44.80 -0.88
N ARG A 44 -24.21 45.24 -0.38
CA ARG A 44 -22.92 44.76 -0.90
C ARG A 44 -22.39 43.43 -0.35
N ARG A 45 -23.04 42.91 0.69
CA ARG A 45 -22.65 41.60 1.23
C ARG A 45 -22.79 40.53 0.14
N PHE A 46 -21.82 39.61 0.08
CA PHE A 46 -21.74 38.55 -0.93
C PHE A 46 -21.34 39.02 -2.34
N LEU A 47 -21.33 40.34 -2.55
CA LEU A 47 -20.97 40.88 -3.87
C LEU A 47 -19.45 41.03 -4.01
N PRO A 48 -18.95 41.04 -5.25
CA PRO A 48 -17.53 41.31 -5.47
C PRO A 48 -17.18 42.67 -4.90
N PRO A 49 -15.91 42.86 -4.51
CA PRO A 49 -15.47 44.12 -3.92
C PRO A 49 -15.46 45.26 -4.92
N GLU A 50 -15.87 46.44 -4.49
CA GLU A 50 -15.75 47.65 -5.31
C GLU A 50 -14.57 48.47 -4.84
N PRO A 51 -13.80 49.02 -5.79
CA PRO A 51 -12.64 49.86 -5.46
C PRO A 51 -13.05 50.99 -4.51
N LYS A 52 -12.18 51.29 -3.55
CA LYS A 52 -12.46 52.35 -2.58
C LYS A 52 -12.47 53.70 -3.29
N GLN A 53 -13.54 54.46 -3.07
N GLN A 53 -13.54 54.46 -3.10
CA GLN A 53 -13.67 55.78 -3.66
CA GLN A 53 -13.65 55.78 -3.70
C GLN A 53 -12.70 56.75 -2.99
C GLN A 53 -12.71 56.75 -3.00
N PRO A 54 -12.13 57.68 -3.77
CA PRO A 54 -11.23 58.72 -3.23
C PRO A 54 -11.81 59.46 -2.03
N TRP A 55 -10.93 59.82 -1.10
CA TRP A 55 -11.31 60.53 0.10
C TRP A 55 -10.56 61.86 0.16
N SER A 56 -11.14 62.83 0.86
CA SER A 56 -10.45 64.08 1.11
C SER A 56 -9.84 64.00 2.50
N GLY A 57 -8.89 64.89 2.79
CA GLY A 57 -8.21 64.84 4.07
C GLY A 57 -7.23 63.68 4.18
N VAL A 58 -6.85 63.36 5.41
CA VAL A 58 -5.79 62.40 5.68
C VAL A 58 -6.34 61.20 6.45
N VAL A 59 -6.29 60.03 5.83
CA VAL A 59 -6.65 58.78 6.50
C VAL A 59 -5.61 58.45 7.56
N ASP A 60 -6.10 58.22 8.77
CA ASP A 60 -5.27 57.74 9.88
C ASP A 60 -4.89 56.29 9.63
N ALA A 61 -3.62 56.04 9.29
CA ALA A 61 -3.15 54.69 9.05
C ALA A 61 -2.13 54.26 10.09
N THR A 62 -2.46 54.43 11.36
CA THR A 62 -1.51 54.20 12.46
C THR A 62 -1.87 52.96 13.27
N THR A 63 -3.04 52.40 13.02
CA THR A 63 -3.43 51.18 13.73
C THR A 63 -4.16 50.16 12.82
N PHE A 64 -4.12 48.89 13.21
CA PHE A 64 -4.86 47.88 12.47
C PHE A 64 -6.36 48.16 12.51
N GLN A 65 -7.03 47.80 11.44
CA GLN A 65 -8.47 47.96 11.36
C GLN A 65 -9.19 46.68 11.75
N SER A 66 -10.52 46.74 11.69
CA SER A 66 -11.37 45.62 12.10
C SER A 66 -11.08 44.29 11.39
N VAL A 67 -11.39 43.20 12.09
CA VAL A 67 -11.27 41.86 11.54
C VAL A 67 -12.57 41.49 10.84
N CYS A 68 -12.48 40.79 9.72
CA CYS A 68 -13.68 40.33 9.03
C CYS A 68 -14.42 39.33 9.92
N TYR A 69 -15.74 39.42 9.94
CA TYR A 69 -16.59 38.49 10.68
C TYR A 69 -16.21 37.01 10.52
N GLN A 70 -16.05 36.33 11.65
CA GLN A 70 -15.61 34.94 11.62
C GLN A 70 -15.87 34.24 12.94
N TYR A 71 -15.92 32.92 12.88
CA TYR A 71 -16.10 32.09 14.07
C TYR A 71 -14.89 32.22 14.98
N VAL A 72 -15.14 32.37 16.28
CA VAL A 72 -14.05 32.53 17.25
C VAL A 72 -13.84 31.24 18.03
N ASP A 73 -12.62 30.72 18.00
CA ASP A 73 -12.29 29.43 18.58
C ASP A 73 -12.30 29.47 20.10
N THR A 74 -13.11 28.62 20.71
CA THR A 74 -13.18 28.54 22.18
C THR A 74 -12.95 27.13 22.73
N LEU A 75 -12.25 26.29 21.97
CA LEU A 75 -11.99 24.90 22.40
C LEU A 75 -11.13 24.86 23.65
N TYR A 76 -10.14 25.74 23.72
CA TYR A 76 -9.26 25.80 24.88
C TYR A 76 -9.11 27.25 25.33
N PRO A 77 -10.16 27.82 25.94
CA PRO A 77 -10.21 29.26 26.27
C PRO A 77 -8.98 29.73 27.02
N GLY A 78 -8.34 30.80 26.54
CA GLY A 78 -7.18 31.37 27.21
C GLY A 78 -5.84 30.72 26.86
N PHE A 79 -5.89 29.54 26.27
CA PHE A 79 -4.70 28.83 25.81
C PHE A 79 -4.03 29.62 24.69
N GLU A 80 -2.72 29.80 24.78
CA GLU A 80 -1.98 30.60 23.81
C GLU A 80 -2.07 30.03 22.40
N GLY A 81 -2.02 28.70 22.31
CA GLY A 81 -2.08 28.00 21.05
C GLY A 81 -3.38 28.19 20.30
N THR A 82 -4.41 28.64 20.99
CA THR A 82 -5.64 29.02 20.31
C THR A 82 -5.80 30.54 20.19
N GLU A 83 -5.41 31.28 21.22
CA GLU A 83 -5.69 32.72 21.23
C GLU A 83 -4.86 33.52 20.21
N MET A 84 -3.68 33.03 19.87
CA MET A 84 -2.79 33.71 18.93
C MET A 84 -3.39 33.77 17.52
N TRP A 85 -4.44 32.98 17.26
CA TRP A 85 -5.10 32.92 15.95
C TRP A 85 -6.43 33.66 15.94
N ASN A 86 -6.96 33.93 17.12
CA ASN A 86 -8.26 34.61 17.25
C ASN A 86 -8.15 36.11 16.99
N PRO A 87 -9.28 36.73 16.60
CA PRO A 87 -9.32 38.17 16.29
C PRO A 87 -8.75 39.02 17.42
N ASN A 88 -7.86 39.95 17.08
CA ASN A 88 -7.32 40.87 18.07
C ASN A 88 -7.77 42.31 17.78
N ARG A 89 -8.88 42.43 17.05
CA ARG A 89 -9.57 43.70 16.83
C ARG A 89 -11.03 43.34 16.71
N GLU A 90 -11.91 44.34 16.80
CA GLU A 90 -13.34 44.05 16.78
C GLU A 90 -13.75 43.48 15.42
N LEU A 91 -14.77 42.65 15.42
CA LEU A 91 -15.28 42.09 14.19
C LEU A 91 -16.13 43.13 13.49
N SER A 92 -16.08 43.18 12.17
CA SER A 92 -16.93 44.06 11.39
C SER A 92 -16.96 43.59 9.94
N GLU A 93 -18.05 43.83 9.23
CA GLU A 93 -18.08 43.54 7.79
C GLU A 93 -17.28 44.60 7.03
N ASP A 94 -17.09 45.74 7.68
CA ASP A 94 -16.24 46.81 7.16
C ASP A 94 -14.83 46.42 7.57
N CYS A 95 -14.19 45.58 6.76
CA CYS A 95 -12.92 44.97 7.18
C CYS A 95 -11.91 44.93 6.06
N LEU A 96 -12.26 45.48 4.91
CA LEU A 96 -11.39 45.40 3.75
C LEU A 96 -10.32 46.49 3.79
N TYR A 97 -9.27 46.26 4.58
CA TYR A 97 -8.14 47.16 4.69
C TYR A 97 -6.87 46.38 4.47
N LEU A 98 -5.80 47.08 4.10
CA LEU A 98 -4.52 46.41 3.91
C LEU A 98 -3.43 47.22 4.65
N ASN A 99 -2.26 46.62 4.79
CA ASN A 99 -1.21 47.18 5.59
C ASN A 99 0.07 47.18 4.79
N VAL A 100 0.85 48.25 4.91
CA VAL A 100 2.15 48.33 4.27
C VAL A 100 3.22 48.63 5.31
N TRP A 101 4.28 47.82 5.32
CA TRP A 101 5.46 48.07 6.13
C TRP A 101 6.59 48.34 5.18
N THR A 102 7.43 49.33 5.50
CA THR A 102 8.52 49.71 4.63
C THR A 102 9.73 50.11 5.48
N PRO A 103 10.94 50.01 4.91
CA PRO A 103 12.11 50.46 5.67
C PRO A 103 11.99 51.94 6.03
N TYR A 104 12.69 52.35 7.07
CA TYR A 104 12.72 53.75 7.48
C TYR A 104 14.17 54.27 7.41
N PRO A 105 14.38 55.38 6.71
CA PRO A 105 13.34 56.14 6.00
C PRO A 105 12.89 55.40 4.75
N ARG A 106 11.74 55.76 4.18
CA ARG A 106 11.21 55.06 3.00
C ARG A 106 12.25 54.90 1.91
N PRO A 107 12.29 53.70 1.30
CA PRO A 107 13.25 53.42 0.23
C PRO A 107 13.12 54.45 -0.87
N THR A 108 14.24 54.93 -1.40
CA THR A 108 14.17 55.94 -2.44
C THR A 108 14.31 55.30 -3.82
N SER A 109 14.45 53.98 -3.84
CA SER A 109 14.48 53.22 -5.10
C SER A 109 13.61 51.96 -5.00
N PRO A 110 13.15 51.44 -6.16
CA PRO A 110 12.25 50.27 -6.19
C PRO A 110 12.74 49.10 -5.32
N THR A 111 11.97 48.81 -4.27
CA THR A 111 12.25 47.71 -3.35
C THR A 111 11.32 46.52 -3.63
N PRO A 112 11.86 45.28 -3.63
CA PRO A 112 11.03 44.08 -3.85
C PRO A 112 9.90 43.94 -2.83
N VAL A 113 8.74 43.51 -3.29
CA VAL A 113 7.53 43.48 -2.47
C VAL A 113 7.11 42.05 -2.11
N LEU A 114 6.90 41.80 -0.82
CA LEU A 114 6.30 40.56 -0.33
C LEU A 114 4.85 40.84 0.06
N VAL A 115 3.94 40.02 -0.46
CA VAL A 115 2.52 40.19 -0.13
C VAL A 115 2.02 38.95 0.60
N TRP A 116 1.53 39.15 1.82
CA TRP A 116 1.11 38.06 2.68
C TRP A 116 -0.40 37.82 2.62
N ILE A 117 -0.80 36.57 2.41
CA ILE A 117 -2.21 36.21 2.50
C ILE A 117 -2.40 35.24 3.65
N TYR A 118 -3.12 35.64 4.71
CA TYR A 118 -3.24 34.78 5.89
C TYR A 118 -4.10 33.55 5.60
N GLY A 119 -3.90 32.50 6.41
CA GLY A 119 -4.75 31.32 6.36
C GLY A 119 -5.82 31.40 7.45
N GLY A 120 -6.48 30.27 7.70
CA GLY A 120 -7.59 30.21 8.62
C GLY A 120 -8.74 29.36 8.09
N GLY A 121 -8.42 28.40 7.23
CA GLY A 121 -9.43 27.48 6.69
C GLY A 121 -10.50 28.17 5.86
N PHE A 122 -10.19 29.38 5.37
CA PHE A 122 -11.12 30.21 4.62
C PHE A 122 -12.31 30.70 5.42
N TYR A 123 -12.31 30.45 6.72
CA TYR A 123 -13.44 30.89 7.55
C TYR A 123 -12.99 31.82 8.68
N SER A 124 -11.69 32.02 8.79
CA SER A 124 -11.15 32.88 9.83
C SER A 124 -9.81 33.46 9.41
N GLY A 125 -9.24 34.28 10.28
CA GLY A 125 -7.92 34.86 10.04
C GLY A 125 -8.01 36.37 9.98
N ALA A 126 -6.86 37.01 10.08
CA ALA A 126 -6.77 38.47 10.04
C ALA A 126 -5.32 38.88 9.77
N SER A 127 -5.13 40.04 9.14
CA SER A 127 -3.78 40.52 8.85
C SER A 127 -3.14 41.20 10.07
N SER A 128 -3.96 41.46 11.09
CA SER A 128 -3.49 42.16 12.30
C SER A 128 -2.88 41.27 13.38
N LEU A 129 -2.86 39.96 13.18
CA LEU A 129 -2.38 39.05 14.22
C LEU A 129 -0.90 39.33 14.52
N ASP A 130 -0.51 39.14 15.78
CA ASP A 130 0.88 39.41 16.18
C ASP A 130 1.85 38.62 15.34
N VAL A 131 1.49 37.38 15.04
CA VAL A 131 2.38 36.46 14.36
C VAL A 131 2.63 36.85 12.88
N TYR A 132 1.83 37.78 12.35
CA TYR A 132 2.03 38.29 10.99
C TYR A 132 2.65 39.69 10.95
N ASP A 133 3.22 40.13 12.08
CA ASP A 133 3.84 41.45 12.19
C ASP A 133 4.99 41.60 11.19
N GLY A 134 4.85 42.52 10.23
CA GLY A 134 5.85 42.65 9.18
C GLY A 134 7.15 43.36 9.53
N ARG A 135 7.21 43.94 10.73
CA ARG A 135 8.31 44.83 11.08
C ARG A 135 9.71 44.19 11.04
N PHE A 136 9.82 42.92 11.42
CA PHE A 136 11.15 42.31 11.51
C PHE A 136 11.69 41.93 10.13
N LEU A 137 10.79 41.49 9.24
CA LEU A 137 11.18 41.10 7.88
C LEU A 137 11.65 42.33 7.13
N VAL A 138 10.90 43.41 7.28
CA VAL A 138 11.19 44.61 6.55
C VAL A 138 12.50 45.23 7.01
N GLN A 139 12.72 45.26 8.32
CA GLN A 139 13.98 45.79 8.86
C GLN A 139 15.15 44.92 8.41
N ALA A 140 15.06 43.62 8.67
CA ALA A 140 16.18 42.72 8.43
C ALA A 140 16.50 42.54 6.96
N GLU A 141 15.48 42.50 6.12
CA GLU A 141 15.69 42.11 4.72
C GLU A 141 15.39 43.22 3.71
N ARG A 142 14.87 44.33 4.20
CA ARG A 142 14.71 45.54 3.40
C ARG A 142 13.84 45.34 2.18
N THR A 143 12.73 44.64 2.39
CA THR A 143 11.68 44.51 1.40
C THR A 143 10.54 45.43 1.81
N VAL A 144 9.56 45.61 0.93
CA VAL A 144 8.28 46.18 1.34
C VAL A 144 7.33 44.99 1.58
N LEU A 145 6.52 45.06 2.63
CA LEU A 145 5.62 43.97 3.00
C LEU A 145 4.19 44.49 3.03
N VAL A 146 3.32 43.80 2.30
CA VAL A 146 1.91 44.15 2.28
C VAL A 146 1.07 42.96 2.75
N SER A 147 0.06 43.22 3.55
CA SER A 147 -0.90 42.18 3.88
C SER A 147 -2.27 42.80 3.85
N MET A 148 -3.27 42.02 3.48
CA MET A 148 -4.61 42.52 3.37
C MET A 148 -5.57 41.63 4.14
N ASN A 149 -6.68 42.22 4.57
CA ASN A 149 -7.81 41.43 5.05
C ASN A 149 -8.67 41.06 3.85
N TYR A 150 -9.22 39.87 3.86
CA TYR A 150 -10.17 39.47 2.83
C TYR A 150 -11.31 38.77 3.53
N ARG A 151 -12.51 38.86 2.96
CA ARG A 151 -13.69 38.23 3.56
C ARG A 151 -13.58 36.71 3.67
N VAL A 152 -14.04 36.18 4.79
CA VAL A 152 -13.99 34.75 5.01
C VAL A 152 -15.36 34.21 5.37
N GLY A 153 -15.46 32.88 5.50
CA GLY A 153 -16.72 32.24 5.82
C GLY A 153 -17.71 32.53 4.74
N ALA A 154 -18.99 32.57 5.10
CA ALA A 154 -20.06 32.85 4.14
C ALA A 154 -19.84 34.19 3.44
N PHE A 155 -19.33 35.18 4.17
CA PHE A 155 -19.16 36.53 3.65
C PHE A 155 -18.21 36.59 2.46
N GLY A 156 -17.25 35.67 2.44
CA GLY A 156 -16.29 35.63 1.35
C GLY A 156 -16.55 34.54 0.34
N PHE A 157 -17.27 33.49 0.74
CA PHE A 157 -17.33 32.29 -0.08
C PHE A 157 -18.68 31.61 -0.23
N LEU A 158 -19.74 32.18 0.32
CA LEU A 158 -21.07 31.64 0.04
C LEU A 158 -21.34 31.78 -1.45
N ALA A 159 -21.81 30.70 -2.07
CA ALA A 159 -22.01 30.72 -3.51
C ALA A 159 -23.32 30.08 -3.91
N LEU A 160 -24.14 30.83 -4.63
CA LEU A 160 -25.21 30.27 -5.41
C LEU A 160 -24.80 30.45 -6.87
N PRO A 161 -24.09 29.45 -7.42
CA PRO A 161 -23.47 29.54 -8.75
C PRO A 161 -24.49 29.90 -9.83
N GLY A 162 -24.10 30.82 -10.70
CA GLY A 162 -25.02 31.30 -11.73
C GLY A 162 -25.69 32.60 -11.33
N SER A 163 -25.79 32.87 -10.03
CA SER A 163 -26.53 34.02 -9.56
C SER A 163 -25.64 35.25 -9.51
N ARG A 164 -26.26 36.40 -9.70
CA ARG A 164 -25.52 37.65 -9.67
C ARG A 164 -25.41 38.14 -8.22
N GLU A 165 -26.31 37.69 -7.37
CA GLU A 165 -26.40 38.18 -5.99
C GLU A 165 -25.42 37.50 -5.03
N ALA A 166 -24.99 36.29 -5.37
CA ALA A 166 -23.97 35.58 -4.58
C ALA A 166 -23.17 34.64 -5.47
N PRO A 167 -22.25 35.20 -6.26
CA PRO A 167 -21.50 34.47 -7.30
C PRO A 167 -20.39 33.59 -6.75
N GLY A 168 -19.95 33.84 -5.52
CA GLY A 168 -18.90 33.04 -4.92
C GLY A 168 -17.52 33.60 -5.19
N ASN A 169 -16.54 33.14 -4.41
CA ASN A 169 -15.15 33.55 -4.57
C ASN A 169 -14.88 35.03 -4.33
N VAL A 170 -15.80 35.76 -3.70
CA VAL A 170 -15.54 37.19 -3.48
C VAL A 170 -14.34 37.48 -2.56
N GLY A 171 -14.11 36.62 -1.58
CA GLY A 171 -12.93 36.76 -0.74
C GLY A 171 -11.66 36.66 -1.57
N LEU A 172 -11.70 35.83 -2.61
CA LEU A 172 -10.58 35.72 -3.53
C LEU A 172 -10.45 37.00 -4.35
N LEU A 173 -11.59 37.58 -4.72
CA LEU A 173 -11.55 38.86 -5.43
C LEU A 173 -11.11 40.01 -4.51
N ASP A 174 -11.34 39.87 -3.20
CA ASP A 174 -10.82 40.84 -2.24
C ASP A 174 -9.31 40.81 -2.32
N GLN A 175 -8.75 39.59 -2.37
CA GLN A 175 -7.30 39.44 -2.48
C GLN A 175 -6.76 40.04 -3.80
N ARG A 176 -7.45 39.75 -4.90
CA ARG A 176 -7.04 40.28 -6.20
C ARG A 176 -7.07 41.80 -6.23
N LEU A 177 -8.13 42.38 -5.69
CA LEU A 177 -8.26 43.84 -5.62
C LEU A 177 -7.10 44.46 -4.86
N ALA A 178 -6.68 43.81 -3.77
CA ALA A 178 -5.52 44.29 -3.01
C ALA A 178 -4.25 44.19 -3.84
N LEU A 179 -4.10 43.08 -4.58
CA LEU A 179 -2.99 42.93 -5.52
C LEU A 179 -3.00 44.01 -6.61
N GLN A 180 -4.18 44.37 -7.10
CA GLN A 180 -4.32 45.49 -8.02
C GLN A 180 -3.93 46.79 -7.34
N TRP A 181 -4.35 46.95 -6.10
CA TRP A 181 -4.02 48.15 -5.33
C TRP A 181 -2.50 48.26 -5.20
N VAL A 182 -1.85 47.11 -4.99
CA VAL A 182 -0.39 47.09 -4.89
C VAL A 182 0.27 47.52 -6.19
N GLN A 183 -0.20 47.00 -7.32
CA GLN A 183 0.30 47.42 -8.63
C GLN A 183 0.24 48.93 -8.81
N GLU A 184 -0.89 49.52 -8.44
CA GLU A 184 -1.12 50.94 -8.63
C GLU A 184 -0.46 51.86 -7.59
N ASN A 185 -0.22 51.39 -6.37
CA ASN A 185 0.18 52.30 -5.30
C ASN A 185 1.46 51.99 -4.55
N VAL A 186 2.03 50.80 -4.75
CA VAL A 186 3.12 50.40 -3.88
C VAL A 186 4.39 51.21 -4.12
N ALA A 187 4.53 51.76 -5.33
CA ALA A 187 5.69 52.60 -5.66
C ALA A 187 5.73 53.83 -4.76
N ALA A 188 4.56 54.34 -4.38
CA ALA A 188 4.46 55.50 -3.51
C ALA A 188 5.06 55.23 -2.14
N PHE A 189 5.42 53.97 -1.86
CA PHE A 189 6.00 53.60 -0.58
C PHE A 189 7.45 53.16 -0.74
N GLY A 190 7.92 53.14 -1.98
CA GLY A 190 9.26 52.65 -2.27
C GLY A 190 9.25 51.24 -2.86
N GLY A 191 8.06 50.71 -3.07
CA GLY A 191 7.93 49.35 -3.53
C GLY A 191 8.03 49.24 -5.03
N ASP A 192 8.49 48.10 -5.50
CA ASP A 192 8.65 47.85 -6.92
C ASP A 192 7.53 46.93 -7.40
N PRO A 193 6.52 47.50 -8.08
CA PRO A 193 5.39 46.72 -8.61
C PRO A 193 5.80 45.64 -9.62
N THR A 194 7.04 45.70 -10.12
CA THR A 194 7.53 44.68 -11.07
C THR A 194 8.19 43.49 -10.35
N SER A 195 8.30 43.58 -9.03
CA SER A 195 8.80 42.45 -8.24
C SER A 195 7.91 42.18 -7.02
N VAL A 196 6.78 41.53 -7.25
CA VAL A 196 5.85 41.20 -6.19
C VAL A 196 5.81 39.68 -5.98
N THR A 197 6.23 39.25 -4.79
CA THR A 197 6.17 37.85 -4.40
C THR A 197 5.00 37.60 -3.46
N LEU A 198 4.08 36.71 -3.84
CA LEU A 198 2.99 36.28 -2.97
C LEU A 198 3.49 35.19 -2.04
N PHE A 199 3.15 35.31 -0.75
CA PHE A 199 3.33 34.19 0.17
C PHE A 199 2.14 34.05 1.11
N GLY A 200 1.84 32.82 1.48
CA GLY A 200 0.68 32.55 2.30
C GLY A 200 0.83 31.19 2.93
N GLU A 201 0.07 30.93 3.99
CA GLU A 201 0.18 29.67 4.69
C GLU A 201 -1.19 29.02 4.76
N SER A 202 -1.24 27.70 4.52
CA SER A 202 -2.48 26.94 4.66
C SER A 202 -3.55 27.48 3.70
N ALA A 203 -4.69 27.96 4.19
CA ALA A 203 -5.68 28.53 3.27
C ALA A 203 -5.12 29.74 2.48
N GLY A 204 -4.18 30.45 3.09
CA GLY A 204 -3.42 31.48 2.41
C GLY A 204 -2.58 30.94 1.25
N ALA A 205 -1.89 29.84 1.50
CA ALA A 205 -1.16 29.12 0.45
C ALA A 205 -2.12 28.62 -0.64
N ALA A 206 -3.28 28.10 -0.25
CA ALA A 206 -4.26 27.66 -1.22
C ALA A 206 -4.68 28.85 -2.07
N SER A 207 -4.83 30.00 -1.42
CA SER A 207 -5.16 31.24 -2.11
C SER A 207 -4.12 31.62 -3.14
N VAL A 208 -2.84 31.63 -2.74
CA VAL A 208 -1.75 31.93 -3.66
C VAL A 208 -1.83 31.03 -4.89
N GLY A 209 -1.98 29.73 -4.67
CA GLY A 209 -2.07 28.78 -5.77
C GLY A 209 -3.24 29.10 -6.70
N MET A 210 -4.34 29.56 -6.16
CA MET A 210 -5.48 29.91 -6.98
C MET A 210 -5.24 31.15 -7.83
N HIS A 211 -4.49 32.11 -7.29
CA HIS A 211 -4.07 33.24 -8.10
C HIS A 211 -3.13 32.82 -9.24
N LEU A 212 -2.29 31.82 -8.98
CA LEU A 212 -1.42 31.26 -10.00
C LEU A 212 -2.20 30.69 -11.17
N LEU A 213 -3.36 30.12 -10.88
CA LEU A 213 -4.13 29.37 -11.86
C LEU A 213 -5.29 30.18 -12.42
N SER A 214 -5.35 31.46 -12.07
CA SER A 214 -6.39 32.33 -12.58
C SER A 214 -5.73 33.50 -13.31
N PRO A 215 -5.87 33.53 -14.65
CA PRO A 215 -5.16 34.53 -15.48
C PRO A 215 -5.34 36.00 -15.09
N PRO A 216 -6.54 36.45 -14.70
CA PRO A 216 -6.60 37.87 -14.27
C PRO A 216 -5.72 38.20 -13.04
N SER A 217 -5.38 37.21 -12.23
CA SER A 217 -4.47 37.44 -11.09
C SER A 217 -3.01 37.29 -11.45
N ARG A 218 -2.74 36.44 -12.44
CA ARG A 218 -1.39 36.00 -12.74
C ARG A 218 -0.47 37.15 -13.15
N GLY A 219 -1.03 38.20 -13.73
CA GLY A 219 -0.24 39.37 -14.07
C GLY A 219 -0.05 40.38 -12.95
N LEU A 220 -0.53 40.08 -11.74
CA LEU A 220 -0.36 40.99 -10.60
C LEU A 220 0.79 40.62 -9.67
N PHE A 221 1.53 39.57 -10.01
CA PHE A 221 2.66 39.15 -9.19
C PHE A 221 3.63 38.31 -10.02
N HIS A 222 4.79 37.99 -9.46
CA HIS A 222 5.87 37.40 -10.24
C HIS A 222 6.40 36.09 -9.68
N ARG A 223 6.35 35.93 -8.36
CA ARG A 223 6.78 34.70 -7.71
C ARG A 223 5.80 34.31 -6.63
N ALA A 224 5.87 33.07 -6.18
CA ALA A 224 4.90 32.56 -5.24
C ALA A 224 5.54 31.64 -4.20
N VAL A 225 5.04 31.73 -2.97
CA VAL A 225 5.47 30.87 -1.88
C VAL A 225 4.24 30.26 -1.25
N LEU A 226 4.18 28.94 -1.23
CA LEU A 226 3.04 28.22 -0.66
C LEU A 226 3.47 27.38 0.54
N GLN A 227 3.09 27.83 1.74
CA GLN A 227 3.48 27.17 2.98
C GLN A 227 2.33 26.30 3.51
N SER A 228 2.54 24.99 3.57
CA SER A 228 1.57 24.04 4.14
C SER A 228 0.18 24.17 3.54
N GLY A 229 0.11 24.32 2.23
CA GLY A 229 -1.18 24.45 1.58
C GLY A 229 -1.04 24.44 0.07
N ALA A 230 -2.14 24.14 -0.62
CA ALA A 230 -2.13 24.02 -2.07
C ALA A 230 -3.57 24.18 -2.57
N PRO A 231 -3.75 24.70 -3.78
CA PRO A 231 -5.12 24.91 -4.28
C PRO A 231 -5.82 23.60 -4.59
N ASN A 232 -5.04 22.54 -4.82
CA ASN A 232 -5.61 21.21 -5.07
C ASN A 232 -5.91 20.38 -3.82
N GLY A 233 -5.76 20.97 -2.64
CA GLY A 233 -6.21 20.28 -1.44
C GLY A 233 -7.71 19.97 -1.47
N PRO A 234 -8.09 18.70 -1.16
CA PRO A 234 -9.47 18.21 -1.08
C PRO A 234 -10.39 19.07 -0.19
N TRP A 235 -9.83 20.02 0.53
CA TRP A 235 -10.62 20.93 1.37
C TRP A 235 -10.71 22.35 0.79
N ALA A 236 -9.79 22.69 -0.11
CA ALA A 236 -9.62 24.07 -0.56
C ALA A 236 -10.67 24.56 -1.58
N THR A 237 -11.31 23.62 -2.27
CA THR A 237 -12.35 24.00 -3.23
C THR A 237 -13.59 23.14 -3.04
N VAL A 238 -14.70 23.61 -3.60
CA VAL A 238 -15.94 22.85 -3.56
C VAL A 238 -16.63 23.01 -4.92
N GLY A 239 -17.39 21.99 -5.34
CA GLY A 239 -18.09 22.03 -6.60
C GLY A 239 -19.33 22.91 -6.56
N MET A 240 -19.81 23.34 -7.73
CA MET A 240 -21.02 24.17 -7.81
C MET A 240 -22.22 23.58 -7.05
N GLY A 241 -22.49 22.31 -7.30
CA GLY A 241 -23.61 21.63 -6.66
C GLY A 241 -23.54 21.61 -5.14
N GLU A 242 -22.39 21.26 -4.59
CA GLU A 242 -22.24 21.24 -3.14
C GLU A 242 -22.23 22.67 -2.56
N ALA A 243 -21.73 23.63 -3.33
CA ALA A 243 -21.75 25.01 -2.86
C ALA A 243 -23.19 25.48 -2.71
N ARG A 244 -24.00 25.20 -3.72
CA ARG A 244 -25.43 25.55 -3.69
C ARG A 244 -26.15 24.87 -2.54
N ARG A 245 -25.84 23.60 -2.29
CA ARG A 245 -26.51 22.90 -1.22
C ARG A 245 -26.19 23.55 0.13
N ARG A 246 -24.93 23.93 0.31
CA ARG A 246 -24.51 24.54 1.58
C ARG A 246 -25.09 25.93 1.79
N ALA A 247 -25.13 26.73 0.73
CA ALA A 247 -25.72 28.05 0.83
C ALA A 247 -27.20 27.92 1.17
N THR A 248 -27.83 26.89 0.60
CA THR A 248 -29.24 26.66 0.81
C THR A 248 -29.52 26.22 2.24
N GLN A 249 -28.70 25.31 2.74
CA GLN A 249 -28.77 24.86 4.11
C GLN A 249 -28.53 25.99 5.13
N LEU A 250 -27.65 26.94 4.79
CA LEU A 250 -27.42 28.06 5.70
C LEU A 250 -28.67 28.92 5.77
N ALA A 251 -29.27 29.18 4.62
CA ALA A 251 -30.49 30.00 4.56
C ALA A 251 -31.56 29.39 5.44
N HIS A 252 -31.76 28.09 5.29
CA HIS A 252 -32.74 27.37 6.08
C HIS A 252 -32.48 27.50 7.58
N LEU A 253 -31.22 27.33 7.98
CA LEU A 253 -30.84 27.34 9.38
C LEU A 253 -31.04 28.70 10.04
N VAL A 254 -31.10 29.76 9.24
CA VAL A 254 -31.26 31.11 9.78
C VAL A 254 -32.62 31.71 9.44
N GLY A 255 -33.52 30.87 8.94
CA GLY A 255 -34.90 31.27 8.75
C GLY A 255 -35.23 31.95 7.44
N CYS A 256 -34.43 31.68 6.41
CA CYS A 256 -34.67 32.24 5.09
C CYS A 256 -35.15 31.17 4.12
N PRO A 257 -35.97 31.56 3.13
CA PRO A 257 -36.50 30.63 2.11
C PRO A 257 -35.42 29.90 1.33
N ASN A 264 -35.90 30.72 -5.44
CA ASN A 264 -35.32 31.83 -6.17
C ASN A 264 -34.11 32.41 -5.44
N ASP A 265 -32.95 32.39 -6.11
CA ASP A 265 -31.70 32.86 -5.50
C ASP A 265 -31.81 34.31 -5.00
N THR A 266 -32.47 35.16 -5.78
CA THR A 266 -32.65 36.56 -5.41
C THR A 266 -33.28 36.72 -4.03
N GLU A 267 -34.40 36.04 -3.81
CA GLU A 267 -35.12 36.12 -2.55
C GLU A 267 -34.28 35.55 -1.41
N LEU A 268 -33.59 34.46 -1.71
CA LEU A 268 -32.76 33.79 -0.70
C LEU A 268 -31.62 34.71 -0.24
N VAL A 269 -30.90 35.29 -1.20
CA VAL A 269 -29.80 36.18 -0.86
C VAL A 269 -30.31 37.42 -0.14
N ALA A 270 -31.44 37.94 -0.58
CA ALA A 270 -32.01 39.16 0.00
C ALA A 270 -32.36 38.94 1.48
N CYS A 271 -32.90 37.77 1.78
CA CYS A 271 -33.23 37.44 3.16
C CYS A 271 -31.95 37.24 3.98
N LEU A 272 -30.96 36.59 3.40
CA LEU A 272 -29.66 36.45 4.05
C LEU A 272 -29.04 37.80 4.36
N ARG A 273 -29.24 38.77 3.46
CA ARG A 273 -28.66 40.10 3.64
C ARG A 273 -29.28 40.85 4.83
N THR A 274 -30.44 40.41 5.29
CA THR A 274 -31.13 41.09 6.40
C THR A 274 -30.66 40.55 7.75
N ARG A 275 -29.89 39.46 7.72
CA ARG A 275 -29.45 38.81 8.94
C ARG A 275 -28.18 39.44 9.49
N PRO A 276 -28.13 39.67 10.82
CA PRO A 276 -26.88 40.14 11.44
C PRO A 276 -25.75 39.19 11.12
N ALA A 277 -24.57 39.73 10.82
CA ALA A 277 -23.41 38.94 10.45
C ALA A 277 -23.15 37.81 11.44
N GLN A 278 -23.24 38.13 12.73
CA GLN A 278 -22.99 37.16 13.78
C GLN A 278 -23.89 35.93 13.64
N VAL A 279 -25.10 36.13 13.16
CA VAL A 279 -26.04 35.03 13.03
C VAL A 279 -25.56 34.03 11.97
N LEU A 280 -24.99 34.53 10.88
CA LEU A 280 -24.45 33.66 9.85
C LEU A 280 -23.29 32.87 10.44
N VAL A 281 -22.42 33.55 11.16
CA VAL A 281 -21.30 32.90 11.82
C VAL A 281 -21.75 31.76 12.74
N ASN A 282 -22.82 31.99 13.50
CA ASN A 282 -23.28 31.02 14.50
C ASN A 282 -23.72 29.67 13.94
N HIS A 283 -24.13 29.65 12.68
CA HIS A 283 -24.58 28.41 12.07
C HIS A 283 -23.64 27.86 11.01
N GLU A 284 -22.45 28.42 10.93
CA GLU A 284 -21.56 28.11 9.82
C GLU A 284 -21.15 26.64 9.85
N TRP A 285 -20.73 26.17 11.03
CA TRP A 285 -20.23 24.81 11.16
C TRP A 285 -21.27 23.77 10.76
N HIS A 286 -22.53 24.08 11.05
CA HIS A 286 -23.63 23.15 10.90
C HIS A 286 -24.15 22.95 9.48
N VAL A 287 -23.37 23.29 8.47
CA VAL A 287 -23.80 23.05 7.08
C VAL A 287 -22.97 21.97 6.39
N LEU A 288 -21.95 21.47 7.09
CA LEU A 288 -21.13 20.39 6.55
C LEU A 288 -21.92 19.07 6.51
N PRO A 289 -21.73 18.28 5.44
CA PRO A 289 -22.54 17.07 5.22
C PRO A 289 -22.19 15.90 6.14
N GLN A 290 -21.04 15.94 6.82
CA GLN A 290 -20.74 14.90 7.81
C GLN A 290 -19.70 15.38 8.83
N GLU A 291 -19.63 14.68 9.96
CA GLU A 291 -18.62 14.94 10.98
C GLU A 291 -17.26 14.72 10.35
N SER A 292 -16.34 15.66 10.56
CA SER A 292 -15.05 15.63 9.89
C SER A 292 -13.99 16.46 10.60
N VAL A 293 -12.72 16.20 10.28
CA VAL A 293 -11.70 17.19 10.56
C VAL A 293 -11.21 17.67 9.20
N PHE A 294 -10.60 18.86 9.19
CA PHE A 294 -10.03 19.45 7.98
C PHE A 294 -11.02 19.65 6.84
N ARG A 295 -12.28 19.99 7.17
CA ARG A 295 -13.25 20.39 6.16
C ARG A 295 -13.95 21.65 6.62
N PHE A 296 -14.22 22.55 5.68
CA PHE A 296 -14.76 23.86 6.00
C PHE A 296 -15.90 24.20 5.04
N SER A 297 -16.89 24.92 5.55
CA SER A 297 -18.18 25.08 4.86
C SER A 297 -18.11 25.93 3.60
N PHE A 298 -17.54 27.13 3.74
CA PHE A 298 -17.52 28.06 2.62
C PHE A 298 -16.10 28.30 2.15
N VAL A 299 -15.78 27.72 1.00
CA VAL A 299 -14.45 27.76 0.41
C VAL A 299 -14.62 28.14 -1.05
N PRO A 300 -13.52 28.48 -1.75
CA PRO A 300 -13.61 28.80 -3.18
C PRO A 300 -14.37 27.73 -3.97
N VAL A 301 -15.17 28.17 -4.94
CA VAL A 301 -15.97 27.26 -5.74
C VAL A 301 -15.45 27.20 -7.19
N VAL A 302 -15.40 25.99 -7.73
CA VAL A 302 -15.05 25.79 -9.14
C VAL A 302 -16.28 25.97 -10.00
N ASP A 303 -16.41 27.15 -10.61
CA ASP A 303 -17.62 27.45 -11.38
C ASP A 303 -17.32 27.97 -12.78
N GLY A 304 -16.08 27.85 -13.23
CA GLY A 304 -15.73 28.27 -14.59
C GLY A 304 -15.22 29.69 -14.70
N ASP A 305 -15.46 30.49 -13.67
CA ASP A 305 -15.13 31.92 -13.70
C ASP A 305 -13.72 32.21 -13.16
N PHE A 306 -13.59 32.38 -11.84
CA PHE A 306 -12.27 32.54 -11.22
C PHE A 306 -11.37 31.33 -11.54
N LEU A 307 -11.90 30.14 -11.32
CA LEU A 307 -11.25 28.91 -11.75
C LEU A 307 -12.04 28.28 -12.90
N SER A 308 -11.46 28.26 -14.09
CA SER A 308 -12.15 27.67 -15.24
C SER A 308 -12.27 26.14 -15.18
N ASP A 309 -11.48 25.51 -14.32
CA ASP A 309 -11.56 24.06 -14.11
C ASP A 309 -11.10 23.81 -12.67
N THR A 310 -11.14 22.56 -12.23
CA THR A 310 -10.58 22.21 -10.93
C THR A 310 -9.08 22.55 -10.94
N PRO A 311 -8.54 22.92 -9.77
CA PRO A 311 -7.11 23.24 -9.70
C PRO A 311 -6.24 22.08 -10.19
N GLU A 312 -6.62 20.86 -9.84
N GLU A 312 -6.62 20.84 -9.85
CA GLU A 312 -5.93 19.67 -10.31
CA GLU A 312 -5.86 19.69 -10.33
C GLU A 312 -5.80 19.67 -11.84
C GLU A 312 -5.77 19.69 -11.85
N ALA A 313 -6.90 19.94 -12.52
CA ALA A 313 -6.91 19.97 -13.97
C ALA A 313 -6.02 21.09 -14.50
N LEU A 314 -6.18 22.28 -13.91
CA LEU A 314 -5.42 23.45 -14.33
C LEU A 314 -3.93 23.27 -14.11
N ILE A 315 -3.58 22.59 -13.02
CA ILE A 315 -2.20 22.28 -12.71
C ILE A 315 -1.61 21.35 -13.75
N ASN A 316 -2.31 20.26 -14.06
CA ASN A 316 -1.82 19.28 -15.05
C ASN A 316 -1.68 19.83 -16.46
N ALA A 317 -2.48 20.84 -16.80
CA ALA A 317 -2.52 21.40 -18.15
C ALA A 317 -1.77 22.71 -18.34
N GLY A 318 -1.05 23.15 -17.32
CA GLY A 318 -0.41 24.45 -17.37
C GLY A 318 1.02 24.43 -17.88
N ASP A 319 1.42 25.54 -18.52
CA ASP A 319 2.81 25.78 -18.92
C ASP A 319 3.35 26.71 -17.84
N PHE A 320 4.29 26.21 -17.06
CA PHE A 320 4.78 27.01 -15.93
C PHE A 320 6.21 27.47 -16.08
N HIS A 321 6.72 27.45 -17.31
CA HIS A 321 8.01 28.08 -17.62
C HIS A 321 7.95 29.56 -17.22
N GLY A 322 8.99 30.04 -16.56
CA GLY A 322 9.06 31.42 -16.15
C GLY A 322 8.68 31.64 -14.70
N LEU A 323 8.16 30.59 -14.08
CA LEU A 323 7.70 30.66 -12.69
C LEU A 323 8.73 30.05 -11.73
N GLN A 324 8.94 30.74 -10.61
CA GLN A 324 9.65 30.13 -9.48
C GLN A 324 8.70 30.02 -8.29
N VAL A 325 8.64 28.84 -7.66
CA VAL A 325 7.82 28.66 -6.48
C VAL A 325 8.65 28.11 -5.33
N LEU A 326 8.29 28.54 -4.12
CA LEU A 326 8.84 27.99 -2.89
C LEU A 326 7.68 27.34 -2.14
N VAL A 327 7.76 26.03 -1.93
CA VAL A 327 6.69 25.30 -1.26
C VAL A 327 7.28 24.48 -0.12
N GLY A 328 6.45 24.13 0.85
CA GLY A 328 6.95 23.33 1.95
C GLY A 328 5.88 22.99 2.96
N VAL A 329 6.27 22.20 3.95
CA VAL A 329 5.35 21.70 4.95
C VAL A 329 6.04 21.67 6.30
N VAL A 330 5.27 21.59 7.38
CA VAL A 330 5.86 21.32 8.69
C VAL A 330 5.98 19.80 8.89
N LYS A 331 6.78 19.41 9.89
N LYS A 331 6.78 19.39 9.87
CA LYS A 331 7.06 18.02 10.20
CA LYS A 331 7.02 17.96 10.08
C LYS A 331 5.80 17.22 10.53
C LYS A 331 5.76 17.19 10.47
N ASP A 332 4.83 17.85 11.17
CA ASP A 332 3.63 17.16 11.62
C ASP A 332 2.32 17.85 11.23
N GLU A 333 2.01 17.82 9.94
CA GLU A 333 0.87 18.56 9.39
C GLU A 333 -0.46 18.18 10.02
N GLY A 334 -0.62 16.93 10.43
CA GLY A 334 -1.92 16.44 10.82
C GLY A 334 -2.30 16.59 12.28
N SER A 335 -1.31 16.62 13.15
CA SER A 335 -1.54 16.51 14.59
C SER A 335 -2.55 17.53 15.14
N TYR A 336 -2.33 18.80 14.83
CA TYR A 336 -3.19 19.88 15.31
C TYR A 336 -4.68 19.61 15.05
N PHE A 337 -5.01 19.13 13.86
CA PHE A 337 -6.41 18.93 13.50
C PHE A 337 -7.10 17.79 14.25
N LEU A 338 -6.32 16.85 14.78
CA LEU A 338 -6.87 15.69 15.47
C LEU A 338 -7.62 16.05 16.76
N VAL A 339 -7.12 17.04 17.48
CA VAL A 339 -7.81 17.48 18.69
C VAL A 339 -9.04 18.34 18.43
N TYR A 340 -9.43 18.50 17.17
CA TYR A 340 -10.65 19.22 16.81
C TYR A 340 -11.75 18.31 16.26
N GLY A 341 -11.76 17.04 16.66
CA GLY A 341 -12.84 16.16 16.26
C GLY A 341 -12.55 14.68 16.15
N ALA A 342 -11.28 14.31 16.20
CA ALA A 342 -10.93 12.89 16.14
C ALA A 342 -11.14 12.24 17.52
N PRO A 343 -11.92 11.15 17.55
CA PRO A 343 -12.22 10.41 18.79
C PRO A 343 -10.97 9.98 19.56
N GLY A 344 -10.97 10.27 20.85
CA GLY A 344 -9.87 9.87 21.71
C GLY A 344 -8.70 10.84 21.75
N PHE A 345 -8.83 11.99 21.10
CA PHE A 345 -7.74 12.97 21.08
C PHE A 345 -7.92 14.17 22.01
N SER A 346 -6.83 14.57 22.65
CA SER A 346 -6.81 15.82 23.42
C SER A 346 -5.40 16.38 23.48
N LYS A 347 -5.30 17.70 23.62
CA LYS A 347 -3.99 18.31 23.80
C LYS A 347 -3.53 18.04 25.23
N ASP A 348 -4.46 17.62 26.08
CA ASP A 348 -4.22 17.49 27.52
C ASP A 348 -3.89 16.07 27.99
N ASN A 349 -3.93 15.10 27.08
CA ASN A 349 -3.31 13.80 27.34
C ASN A 349 -2.45 13.32 26.17
N GLU A 350 -2.01 12.07 26.27
CA GLU A 350 -1.09 11.50 25.30
C GLU A 350 -1.79 11.12 24.00
N SER A 351 -3.12 11.21 24.00
CA SER A 351 -3.93 10.79 22.87
C SER A 351 -3.56 9.40 22.34
N LEU A 352 -3.25 8.48 23.24
CA LEU A 352 -2.90 7.11 22.87
C LEU A 352 -4.14 6.30 22.54
N ILE A 353 -4.61 6.41 21.30
CA ILE A 353 -5.87 5.80 20.89
C ILE A 353 -5.84 4.27 20.67
N SER A 354 -7.02 3.67 20.59
CA SER A 354 -7.20 2.25 20.32
C SER A 354 -7.41 2.06 18.83
N ARG A 355 -7.32 0.82 18.35
CA ARG A 355 -7.53 0.55 16.94
C ARG A 355 -8.94 0.94 16.50
N ALA A 356 -9.91 0.66 17.36
CA ALA A 356 -11.30 1.05 17.11
C ALA A 356 -11.42 2.55 16.88
N GLU A 357 -10.74 3.33 17.71
CA GLU A 357 -10.72 4.78 17.57
C GLU A 357 -9.98 5.20 16.29
N PHE A 358 -8.88 4.51 16.01
CA PHE A 358 -8.13 4.77 14.79
C PHE A 358 -9.04 4.57 13.59
N LEU A 359 -9.76 3.45 13.55
CA LEU A 359 -10.69 3.14 12.48
C LEU A 359 -11.83 4.17 12.38
N ALA A 360 -12.35 4.61 13.53
CA ALA A 360 -13.37 5.63 13.52
C ALA A 360 -12.76 6.96 13.08
N GLY A 361 -11.51 7.18 13.47
CA GLY A 361 -10.80 8.38 13.11
C GLY A 361 -10.60 8.52 11.62
N VAL A 362 -10.42 7.39 10.92
CA VAL A 362 -10.19 7.40 9.49
C VAL A 362 -11.39 7.94 8.71
N ARG A 363 -12.59 7.53 9.11
CA ARG A 363 -13.81 8.03 8.44
C ARG A 363 -13.99 9.52 8.67
N VAL A 364 -13.52 10.00 9.83
CA VAL A 364 -13.58 11.43 10.15
C VAL A 364 -12.52 12.21 9.37
N GLY A 365 -11.30 11.69 9.38
CA GLY A 365 -10.19 12.31 8.66
C GLY A 365 -10.28 12.21 7.14
N VAL A 366 -11.05 11.25 6.64
CA VAL A 366 -11.22 11.10 5.19
C VAL A 366 -12.71 11.02 4.86
N PRO A 367 -13.45 12.11 5.13
CA PRO A 367 -14.90 12.06 5.01
C PRO A 367 -15.37 11.94 3.57
N GLN A 368 -16.59 11.44 3.38
CA GLN A 368 -17.25 11.41 2.08
C GLN A 368 -16.60 10.48 1.03
N VAL A 369 -15.95 9.42 1.46
CA VAL A 369 -15.43 8.43 0.51
C VAL A 369 -16.08 7.08 0.76
N SER A 370 -16.00 6.20 -0.23
CA SER A 370 -16.59 4.87 -0.10
C SER A 370 -15.87 4.06 0.98
N ASP A 371 -16.57 3.05 1.50
CA ASP A 371 -15.98 2.12 2.46
C ASP A 371 -14.74 1.47 1.88
N LEU A 372 -14.77 1.22 0.57
CA LEU A 372 -13.61 0.62 -0.08
C LEU A 372 -12.41 1.57 0.01
N ALA A 373 -12.65 2.85 -0.31
CA ALA A 373 -11.60 3.88 -0.23
C ALA A 373 -11.02 3.95 1.18
N ALA A 374 -11.88 3.97 2.18
CA ALA A 374 -11.45 3.97 3.59
C ALA A 374 -10.62 2.73 3.94
N GLU A 375 -11.03 1.56 3.44
CA GLU A 375 -10.31 0.32 3.69
C GLU A 375 -8.89 0.40 3.14
N ALA A 376 -8.79 0.93 1.93
CA ALA A 376 -7.49 1.18 1.33
C ALA A 376 -6.64 2.08 2.20
N VAL A 377 -7.24 3.11 2.81
CA VAL A 377 -6.47 4.00 3.70
C VAL A 377 -5.95 3.20 4.88
N VAL A 378 -6.85 2.43 5.48
CA VAL A 378 -6.53 1.61 6.64
C VAL A 378 -5.43 0.61 6.32
N LEU A 379 -5.48 0.06 5.11
CA LEU A 379 -4.44 -0.86 4.66
C LEU A 379 -3.08 -0.19 4.61
N HIS A 380 -3.03 0.98 3.97
N HIS A 380 -3.02 0.99 3.98
CA HIS A 380 -1.77 1.66 3.77
CA HIS A 380 -1.74 1.64 3.77
C HIS A 380 -1.15 2.10 5.09
C HIS A 380 -1.14 2.26 5.03
N TYR A 381 -1.99 2.59 6.00
CA TYR A 381 -1.51 3.24 7.23
C TYR A 381 -1.44 2.33 8.46
N THR A 382 -1.73 1.05 8.26
CA THR A 382 -1.58 0.10 9.36
C THR A 382 -0.22 -0.57 9.25
N ASP A 383 0.52 -0.60 10.36
CA ASP A 383 1.65 -1.51 10.49
C ASP A 383 1.08 -2.88 10.90
N TRP A 384 1.13 -3.85 9.98
CA TRP A 384 0.48 -5.13 10.24
C TRP A 384 1.29 -6.06 11.15
N LEU A 385 2.48 -5.60 11.54
CA LEU A 385 3.21 -6.24 12.63
C LEU A 385 2.78 -5.68 13.99
N HIS A 386 2.22 -4.47 14.00
CA HIS A 386 1.78 -3.82 15.23
C HIS A 386 0.43 -3.14 15.03
N PRO A 387 -0.60 -3.91 14.67
CA PRO A 387 -1.84 -3.26 14.24
C PRO A 387 -2.58 -2.50 15.33
N GLU A 388 -2.22 -2.71 16.59
CA GLU A 388 -3.03 -2.20 17.71
C GLU A 388 -2.26 -1.30 18.69
N ASP A 389 -1.01 -1.00 18.39
CA ASP A 389 -0.19 -0.16 19.25
C ASP A 389 -0.66 1.31 19.22
N PRO A 390 -1.18 1.79 20.36
CA PRO A 390 -1.73 3.15 20.49
C PRO A 390 -0.82 4.27 19.96
N ALA A 391 0.44 4.28 20.38
CA ALA A 391 1.37 5.28 19.89
C ALA A 391 1.49 5.28 18.36
N ARG A 392 1.57 4.10 17.76
CA ARG A 392 1.67 4.00 16.30
C ARG A 392 0.36 4.41 15.63
N LEU A 393 -0.77 4.06 16.24
CA LEU A 393 -2.08 4.44 15.73
C LEU A 393 -2.28 5.96 15.75
N ARG A 394 -1.75 6.62 16.79
CA ARG A 394 -1.81 8.06 16.89
C ARG A 394 -1.00 8.72 15.78
N GLU A 395 0.27 8.33 15.65
CA GLU A 395 1.12 8.83 14.58
C GLU A 395 0.51 8.55 13.20
N ALA A 396 -0.07 7.37 13.01
CA ALA A 396 -0.59 7.02 11.71
C ALA A 396 -1.80 7.87 11.34
N LEU A 397 -2.70 8.08 12.30
CA LEU A 397 -3.89 8.89 12.01
C LEU A 397 -3.49 10.36 11.74
N SER A 398 -2.48 10.83 12.45
CA SER A 398 -1.89 12.13 12.16
C SER A 398 -1.38 12.16 10.72
N ASP A 399 -0.67 11.10 10.32
CA ASP A 399 -0.18 10.96 8.94
C ASP A 399 -1.31 10.94 7.92
N VAL A 400 -2.39 10.21 8.22
CA VAL A 400 -3.52 10.19 7.30
C VAL A 400 -4.02 11.60 7.04
N VAL A 401 -4.39 12.31 8.10
CA VAL A 401 -4.96 13.64 7.99
C VAL A 401 -4.01 14.63 7.32
N GLY A 402 -2.73 14.55 7.70
CA GLY A 402 -1.73 15.45 7.14
C GLY A 402 -1.30 15.17 5.71
N ASP A 403 -1.22 13.88 5.36
CA ASP A 403 -0.82 13.49 4.01
C ASP A 403 -1.96 13.82 3.04
N HIS A 404 -3.16 13.42 3.42
CA HIS A 404 -4.33 13.64 2.59
C HIS A 404 -4.60 15.13 2.38
N ASN A 405 -4.53 15.91 3.44
CA ASN A 405 -4.91 17.32 3.34
C ASN A 405 -3.81 18.27 2.93
N VAL A 406 -2.55 17.98 3.27
CA VAL A 406 -1.47 18.93 3.05
C VAL A 406 -0.27 18.41 2.26
N VAL A 407 0.42 17.42 2.82
CA VAL A 407 1.69 16.97 2.22
C VAL A 407 1.52 16.52 0.77
N CYS A 408 0.52 15.68 0.53
CA CYS A 408 0.36 15.12 -0.80
C CYS A 408 -0.22 16.10 -1.83
N PRO A 409 -1.19 16.94 -1.43
CA PRO A 409 -1.52 18.01 -2.37
C PRO A 409 -0.31 18.90 -2.70
N VAL A 410 0.54 19.18 -1.71
CA VAL A 410 1.71 20.02 -1.95
C VAL A 410 2.74 19.29 -2.83
N ALA A 411 2.91 18.00 -2.58
CA ALA A 411 3.82 17.18 -3.40
C ALA A 411 3.38 17.16 -4.85
N GLN A 412 2.08 17.06 -5.07
CA GLN A 412 1.56 17.01 -6.42
C GLN A 412 1.77 18.34 -7.14
N LEU A 413 1.43 19.43 -6.47
CA LEU A 413 1.67 20.76 -6.99
C LEU A 413 3.15 20.91 -7.39
N ALA A 414 4.04 20.59 -6.45
CA ALA A 414 5.47 20.70 -6.69
C ALA A 414 5.93 19.86 -7.89
N GLY A 415 5.48 18.60 -7.94
CA GLY A 415 5.85 17.70 -9.02
C GLY A 415 5.38 18.16 -10.38
N ARG A 416 4.10 18.52 -10.49
CA ARG A 416 3.57 18.98 -11.77
C ARG A 416 4.18 20.30 -12.20
N LEU A 417 4.30 21.24 -11.28
CA LEU A 417 4.91 22.53 -11.62
C LEU A 417 6.33 22.33 -12.11
N ALA A 418 7.13 21.55 -11.39
CA ALA A 418 8.51 21.31 -11.78
C ALA A 418 8.60 20.64 -13.15
N ALA A 419 7.70 19.69 -13.40
CA ALA A 419 7.70 18.93 -14.64
C ALA A 419 7.15 19.73 -15.81
N GLN A 420 6.63 20.93 -15.53
CA GLN A 420 5.99 21.72 -16.59
C GLN A 420 6.56 23.11 -16.70
N GLY A 421 7.82 23.25 -16.30
CA GLY A 421 8.56 24.46 -16.57
C GLY A 421 8.94 25.32 -15.39
N ALA A 422 8.32 25.09 -14.24
CA ALA A 422 8.58 25.91 -13.06
C ALA A 422 9.86 25.47 -12.39
N ARG A 423 10.57 26.41 -11.78
CA ARG A 423 11.66 26.08 -10.88
C ARG A 423 11.11 26.08 -9.46
N VAL A 424 11.17 24.92 -8.82
CA VAL A 424 10.54 24.73 -7.53
C VAL A 424 11.57 24.46 -6.43
N TYR A 425 11.40 25.12 -5.27
CA TYR A 425 12.17 24.78 -4.09
C TYR A 425 11.23 24.27 -3.00
N ALA A 426 11.61 23.17 -2.36
CA ALA A 426 10.79 22.51 -1.35
C ALA A 426 11.52 22.37 -0.01
N TYR A 427 10.77 22.47 1.08
CA TYR A 427 11.34 22.33 2.41
C TYR A 427 10.42 21.55 3.33
N VAL A 428 11.01 20.96 4.36
CA VAL A 428 10.24 20.52 5.51
C VAL A 428 10.76 21.28 6.73
N PHE A 429 9.84 21.89 7.45
CA PHE A 429 10.19 22.69 8.61
C PHE A 429 10.09 21.80 9.84
N GLU A 430 11.20 21.58 10.52
CA GLU A 430 11.26 20.53 11.54
C GLU A 430 11.66 21.01 12.91
N HIS A 431 11.66 22.33 13.11
CA HIS A 431 11.99 22.88 14.41
C HIS A 431 10.77 23.06 15.30
N ARG A 432 10.83 22.48 16.49
CA ARG A 432 9.77 22.71 17.47
C ARG A 432 10.19 23.89 18.34
N ALA A 433 9.38 24.95 18.33
CA ALA A 433 9.73 26.17 19.02
C ALA A 433 9.84 25.91 20.52
N SER A 434 10.88 26.47 21.14
CA SER A 434 11.07 26.34 22.59
C SER A 434 9.88 26.89 23.36
N THR A 435 9.13 27.78 22.73
CA THR A 435 8.00 28.43 23.37
C THR A 435 6.66 27.75 23.09
N LEU A 436 6.70 26.61 22.40
CA LEU A 436 5.46 25.97 21.95
C LEU A 436 4.67 25.41 23.12
N SER A 437 3.37 25.68 23.13
CA SER A 437 2.51 25.30 24.25
C SER A 437 1.68 24.03 23.99
N TRP A 438 1.66 23.55 22.74
CA TRP A 438 1.04 22.26 22.43
C TRP A 438 1.92 21.14 22.98
N PRO A 439 1.30 20.02 23.36
CA PRO A 439 2.07 18.90 23.92
C PRO A 439 3.11 18.36 22.95
N LEU A 440 4.11 17.69 23.52
CA LEU A 440 5.20 17.09 22.76
C LEU A 440 4.77 16.14 21.65
N TRP A 441 3.66 15.41 21.83
CA TRP A 441 3.28 14.40 20.85
C TRP A 441 2.82 15.01 19.54
N MET A 442 2.39 16.27 19.57
CA MET A 442 1.99 16.96 18.36
C MET A 442 3.17 17.33 17.45
N GLY A 443 4.40 17.22 17.97
CA GLY A 443 5.59 17.54 17.19
C GLY A 443 5.62 19.00 16.74
N VAL A 444 5.90 19.22 15.45
CA VAL A 444 5.85 20.55 14.85
C VAL A 444 4.54 20.71 14.08
N PRO A 445 3.53 21.34 14.69
CA PRO A 445 2.19 21.37 14.10
C PRO A 445 2.00 22.40 12.99
N HIS A 446 0.94 22.20 12.20
CA HIS A 446 0.48 23.14 11.20
C HIS A 446 0.42 24.56 11.76
N GLY A 447 1.07 25.48 11.07
CA GLY A 447 1.05 26.89 11.45
C GLY A 447 2.26 27.39 12.23
N TYR A 448 3.12 26.51 12.70
CA TYR A 448 4.15 26.92 13.65
C TYR A 448 5.52 27.21 13.07
N GLU A 449 5.58 27.32 11.75
CA GLU A 449 6.76 27.85 11.09
C GLU A 449 6.62 29.35 10.85
N ILE A 450 5.38 29.85 10.79
CA ILE A 450 5.11 31.24 10.45
C ILE A 450 5.86 32.27 11.33
N GLU A 451 5.82 32.08 12.64
CA GLU A 451 6.49 32.99 13.57
C GLU A 451 7.98 33.09 13.29
N PHE A 452 8.57 32.02 12.75
CA PHE A 452 9.97 32.06 12.35
C PHE A 452 10.21 32.79 11.03
N ILE A 453 9.31 32.60 10.07
CA ILE A 453 9.42 33.29 8.80
C ILE A 453 9.32 34.80 9.02
N PHE A 454 8.44 35.24 9.90
CA PHE A 454 8.27 36.67 10.18
C PHE A 454 9.28 37.21 11.17
N GLY A 455 10.18 36.36 11.65
CA GLY A 455 11.21 36.79 12.58
C GLY A 455 10.67 37.23 13.93
N ILE A 456 9.50 36.73 14.32
CA ILE A 456 8.97 36.98 15.67
C ILE A 456 9.96 36.66 16.80
N PRO A 457 10.80 35.61 16.64
CA PRO A 457 11.80 35.42 17.69
C PRO A 457 12.72 36.62 18.00
N LEU A 458 12.85 37.59 17.09
CA LEU A 458 13.71 38.74 17.38
C LEU A 458 13.09 39.70 18.38
N ASP A 459 11.78 39.58 18.60
CA ASP A 459 11.07 40.38 19.59
C ASP A 459 11.65 40.10 20.99
N PRO A 460 12.24 41.12 21.61
CA PRO A 460 12.94 40.99 22.91
C PRO A 460 12.01 40.49 24.01
N SER A 461 10.78 41.00 24.03
CA SER A 461 9.80 40.61 25.04
C SER A 461 9.26 39.18 24.90
N ARG A 462 9.80 38.39 23.98
CA ARG A 462 9.42 36.99 23.89
C ARG A 462 10.58 36.09 24.31
N ASN A 463 10.31 34.80 24.50
CA ASN A 463 11.26 33.94 25.20
C ASN A 463 12.01 32.95 24.33
N TYR A 464 12.35 33.35 23.13
CA TYR A 464 13.05 32.46 22.21
C TYR A 464 14.54 32.41 22.55
N THR A 465 15.18 31.29 22.27
CA THR A 465 16.61 31.17 22.50
C THR A 465 17.42 32.00 21.50
N ALA A 466 18.69 32.21 21.79
CA ALA A 466 19.58 32.90 20.87
C ALA A 466 19.76 32.09 19.57
N GLU A 467 19.70 30.76 19.70
CA GLU A 467 19.76 29.88 18.53
C GLU A 467 18.54 30.09 17.64
N GLU A 468 17.37 30.20 18.26
CA GLU A 468 16.15 30.41 17.51
C GLU A 468 16.16 31.75 16.77
N LYS A 469 16.78 32.76 17.38
CA LYS A 469 16.91 34.07 16.72
C LYS A 469 17.74 33.98 15.45
N ILE A 470 18.91 33.36 15.55
CA ILE A 470 19.75 33.13 14.39
C ILE A 470 19.00 32.38 13.29
N PHE A 471 18.21 31.39 13.71
CA PHE A 471 17.43 30.54 12.81
C PHE A 471 16.37 31.36 12.07
N ALA A 472 15.62 32.16 12.81
CA ALA A 472 14.62 33.04 12.20
C ALA A 472 15.30 33.93 11.16
N GLN A 473 16.50 34.41 11.49
CA GLN A 473 17.25 35.27 10.59
C GLN A 473 17.67 34.54 9.32
N ARG A 474 18.05 33.27 9.47
CA ARG A 474 18.33 32.43 8.31
C ARG A 474 17.09 32.32 7.43
N LEU A 475 15.95 32.10 8.07
CA LEU A 475 14.71 31.85 7.33
C LEU A 475 14.24 33.09 6.58
N MET A 476 14.34 34.24 7.25
CA MET A 476 14.00 35.52 6.63
C MET A 476 14.87 35.75 5.41
N ARG A 477 16.15 35.39 5.52
CA ARG A 477 17.10 35.51 4.41
C ARG A 477 16.75 34.60 3.24
N TYR A 478 16.42 33.34 3.49
CA TYR A 478 15.98 32.45 2.42
C TYR A 478 14.77 33.04 1.70
N TRP A 479 13.74 33.43 2.47
CA TRP A 479 12.49 33.90 1.89
C TRP A 479 12.68 35.17 1.07
N ALA A 480 13.49 36.08 1.61
CA ALA A 480 13.71 37.36 0.96
C ALA A 480 14.63 37.21 -0.25
N ASN A 481 15.60 36.29 -0.14
CA ASN A 481 16.43 35.93 -1.29
C ASN A 481 15.53 35.45 -2.42
N PHE A 482 14.59 34.58 -2.07
CA PHE A 482 13.67 34.05 -3.06
C PHE A 482 12.84 35.16 -3.71
N ALA A 483 12.29 36.05 -2.90
CA ALA A 483 11.55 37.20 -3.42
C ALA A 483 12.39 38.08 -4.37
N ARG A 484 13.68 38.20 -4.08
CA ARG A 484 14.56 39.07 -4.86
C ARG A 484 15.01 38.42 -6.16
N THR A 485 15.25 37.11 -6.15
CA THR A 485 15.91 36.45 -7.28
C THR A 485 15.24 35.17 -7.79
N GLY A 486 14.20 34.70 -7.11
CA GLY A 486 13.63 33.40 -7.45
C GLY A 486 14.48 32.22 -6.99
N ASP A 487 15.41 32.48 -6.07
CA ASP A 487 16.29 31.44 -5.59
C ASP A 487 16.70 31.76 -4.14
N PRO A 488 16.30 30.88 -3.20
CA PRO A 488 16.51 31.11 -1.76
C PRO A 488 17.99 31.12 -1.38
N ASN A 489 18.83 30.52 -2.21
CA ASN A 489 20.23 30.32 -1.85
C ASN A 489 21.06 31.57 -1.61
N GLU A 490 21.89 31.48 -0.57
CA GLU A 490 22.97 32.42 -0.29
C GLU A 490 24.19 32.04 -1.14
N PRO A 491 25.18 32.94 -1.24
CA PRO A 491 26.45 32.58 -1.89
C PRO A 491 27.07 31.31 -1.29
N ARG A 492 27.71 30.51 -2.15
CA ARG A 492 28.18 29.18 -1.79
C ARG A 492 29.13 29.16 -0.58
N ASP A 493 28.98 28.12 0.23
CA ASP A 493 29.76 27.96 1.46
C ASP A 493 29.46 26.59 2.08
N PRO A 497 25.87 24.86 2.59
CA PRO A 497 25.29 23.79 1.76
C PRO A 497 24.13 24.32 0.92
N GLN A 498 24.06 23.90 -0.34
CA GLN A 498 23.11 24.50 -1.27
C GLN A 498 21.73 23.83 -1.25
N TRP A 499 20.70 24.63 -1.48
CA TRP A 499 19.32 24.18 -1.51
C TRP A 499 18.97 23.94 -2.97
N PRO A 500 18.88 22.65 -3.38
CA PRO A 500 18.62 22.28 -4.76
C PRO A 500 17.14 22.38 -5.13
N PRO A 501 16.85 22.64 -6.40
CA PRO A 501 15.47 22.63 -6.90
C PRO A 501 14.81 21.25 -6.75
N TYR A 502 13.50 21.26 -6.48
CA TYR A 502 12.71 20.03 -6.45
C TYR A 502 12.34 19.62 -7.85
N THR A 503 12.48 18.34 -8.16
CA THR A 503 12.12 17.82 -9.48
C THR A 503 11.25 16.58 -9.32
N ALA A 504 10.43 16.26 -10.33
CA ALA A 504 9.55 15.10 -10.24
C ALA A 504 10.30 13.79 -9.99
N GLY A 505 11.50 13.68 -10.55
CA GLY A 505 12.30 12.48 -10.36
C GLY A 505 13.15 12.44 -9.11
N ALA A 506 14.08 13.38 -8.98
CA ALA A 506 14.97 13.35 -7.82
C ALA A 506 14.24 13.71 -6.51
N GLN A 507 13.21 14.56 -6.63
CA GLN A 507 12.32 14.89 -5.51
C GLN A 507 13.05 15.44 -4.29
N GLN A 508 14.05 16.28 -4.54
CA GLN A 508 14.87 16.80 -3.46
C GLN A 508 14.24 17.98 -2.73
N TYR A 509 14.37 17.97 -1.42
CA TYR A 509 13.90 19.07 -0.59
C TYR A 509 14.90 19.21 0.55
N VAL A 510 14.84 20.32 1.30
CA VAL A 510 15.71 20.47 2.46
C VAL A 510 14.94 20.50 3.77
N SER A 511 15.61 20.11 4.85
CA SER A 511 15.03 20.23 6.18
C SER A 511 15.42 21.59 6.74
N LEU A 512 14.45 22.29 7.29
CA LEU A 512 14.70 23.56 7.93
C LEU A 512 14.63 23.39 9.44
N ASP A 513 15.79 23.45 10.10
CA ASP A 513 15.85 23.46 11.56
C ASP A 513 17.14 24.15 12.02
N LEU A 514 17.51 23.97 13.28
CA LEU A 514 18.68 24.63 13.84
C LEU A 514 20.00 24.16 13.25
N ARG A 515 20.00 22.95 12.68
CA ARG A 515 21.18 22.41 12.01
C ARG A 515 21.28 23.00 10.62
N PRO A 516 22.46 22.90 9.99
CA PRO A 516 22.57 23.39 8.60
C PRO A 516 21.67 22.59 7.67
N LEU A 517 21.33 23.19 6.52
CA LEU A 517 20.53 22.51 5.50
C LEU A 517 21.00 21.09 5.27
N GLU A 518 20.03 20.17 5.25
CA GLU A 518 20.30 18.80 4.90
C GLU A 518 19.34 18.46 3.75
N VAL A 519 19.89 17.97 2.65
CA VAL A 519 19.08 17.61 1.50
C VAL A 519 18.54 16.20 1.63
N ARG A 520 17.25 16.04 1.40
CA ARG A 520 16.61 14.72 1.41
C ARG A 520 15.77 14.50 0.15
N ARG A 521 15.31 13.25 -0.04
CA ARG A 521 14.50 12.89 -1.22
C ARG A 521 13.09 12.46 -0.84
N GLY A 522 12.11 12.89 -1.61
CA GLY A 522 10.73 12.42 -1.46
C GLY A 522 9.90 13.06 -0.36
N LEU A 523 8.88 13.78 -0.77
CA LEU A 523 7.89 14.30 0.18
C LEU A 523 6.89 13.19 0.46
N ARG A 524 7.25 12.30 1.39
N ARG A 524 7.22 12.31 1.40
CA ARG A 524 6.44 11.13 1.72
CA ARG A 524 6.38 11.16 1.71
C ARG A 524 5.95 10.44 0.44
C ARG A 524 5.94 10.44 0.43
N ALA A 525 6.91 10.08 -0.41
CA ALA A 525 6.61 9.55 -1.73
C ALA A 525 5.73 8.30 -1.74
N GLN A 526 5.94 7.39 -0.79
CA GLN A 526 5.15 6.16 -0.77
C GLN A 526 3.70 6.47 -0.45
N ALA A 527 3.48 7.36 0.51
CA ALA A 527 2.12 7.68 0.92
C ALA A 527 1.44 8.54 -0.15
N CYS A 528 2.19 9.43 -0.77
CA CYS A 528 1.59 10.32 -1.74
C CYS A 528 1.30 9.64 -3.07
N ALA A 529 2.02 8.55 -3.36
CA ALA A 529 1.65 7.72 -4.50
C ALA A 529 0.23 7.23 -4.30
N PHE A 530 -0.09 6.83 -3.08
CA PHE A 530 -1.43 6.35 -2.78
C PHE A 530 -2.49 7.44 -3.01
N TRP A 531 -2.30 8.60 -2.39
CA TRP A 531 -3.29 9.68 -2.48
C TRP A 531 -3.38 10.31 -3.86
N ASN A 532 -2.22 10.51 -4.49
CA ASN A 532 -2.18 11.20 -5.77
C ASN A 532 -2.35 10.29 -7.00
N ARG A 533 -1.90 9.03 -6.91
CA ARG A 533 -1.96 8.15 -8.08
C ARG A 533 -3.08 7.12 -8.01
N PHE A 534 -3.14 6.35 -6.92
CA PHE A 534 -4.10 5.26 -6.84
C PHE A 534 -5.51 5.67 -6.44
N LEU A 535 -5.64 6.34 -5.30
CA LEU A 535 -6.97 6.70 -4.77
C LEU A 535 -7.94 7.39 -5.75
N PRO A 536 -7.45 8.30 -6.60
CA PRO A 536 -8.39 8.87 -7.58
C PRO A 536 -8.98 7.82 -8.51
N LYS A 537 -8.17 6.87 -8.98
CA LYS A 537 -8.64 5.81 -9.87
C LYS A 537 -9.73 5.01 -9.21
N LEU A 538 -9.52 4.68 -7.95
CA LEU A 538 -10.47 3.91 -7.18
C LEU A 538 -11.81 4.62 -7.07
N LEU A 539 -11.76 5.91 -6.75
CA LEU A 539 -12.97 6.73 -6.61
C LEU A 539 -13.76 6.86 -7.93
N SER A 540 -13.06 6.71 -9.05
CA SER A 540 -13.70 6.73 -10.37
C SER A 540 -14.22 5.36 -10.79
N ALA A 541 -14.53 4.51 -9.81
CA ALA A 541 -15.02 3.17 -10.09
C ALA A 541 -15.77 2.57 -8.88
N GLU B 3 15.31 -66.82 -0.14
CA GLU B 3 14.31 -65.79 0.09
C GLU B 3 14.54 -65.05 1.43
N ASP B 4 14.49 -63.72 1.40
CA ASP B 4 14.75 -62.88 2.59
C ASP B 4 13.44 -62.42 3.23
N ALA B 5 13.21 -62.85 4.46
CA ALA B 5 11.97 -62.58 5.18
C ALA B 5 11.64 -61.08 5.30
N GLU B 6 12.67 -60.26 5.45
CA GLU B 6 12.49 -58.81 5.57
C GLU B 6 11.86 -58.22 4.31
N LEU B 7 12.17 -58.81 3.15
CA LEU B 7 11.72 -58.27 1.88
C LEU B 7 10.40 -58.86 1.40
N LEU B 8 9.74 -59.61 2.27
CA LEU B 8 8.45 -60.19 1.95
C LEU B 8 7.39 -59.68 2.90
N VAL B 9 6.27 -59.23 2.34
CA VAL B 9 5.21 -58.62 3.12
C VAL B 9 3.89 -59.00 2.50
N THR B 10 2.90 -59.24 3.35
CA THR B 10 1.55 -59.50 2.89
C THR B 10 0.66 -58.32 3.24
N VAL B 11 0.00 -57.76 2.23
CA VAL B 11 -0.96 -56.70 2.43
C VAL B 11 -2.32 -57.24 2.03
N ARG B 12 -3.38 -56.49 2.30
CA ARG B 12 -4.74 -56.99 2.07
C ARG B 12 -4.96 -57.61 0.69
N GLY B 13 -4.25 -57.11 -0.32
CA GLY B 13 -4.47 -57.54 -1.69
C GLY B 13 -3.71 -58.78 -2.13
N GLY B 14 -2.71 -59.17 -1.35
CA GLY B 14 -1.86 -60.29 -1.71
C GLY B 14 -0.42 -60.08 -1.31
N ARG B 15 0.47 -60.92 -1.80
CA ARG B 15 1.87 -60.91 -1.37
C ARG B 15 2.79 -59.99 -2.19
N LEU B 16 3.78 -59.42 -1.50
CA LEU B 16 4.73 -58.47 -2.07
C LEU B 16 6.16 -58.88 -1.79
N ARG B 17 7.05 -58.56 -2.72
CA ARG B 17 8.47 -58.81 -2.54
C ARG B 17 9.16 -57.47 -2.82
N GLY B 18 10.01 -57.04 -1.90
CA GLY B 18 10.66 -55.77 -2.04
C GLY B 18 12.13 -55.91 -2.32
N ILE B 19 12.87 -54.85 -2.05
CA ILE B 19 14.28 -54.81 -2.39
C ILE B 19 15.02 -54.19 -1.19
N ARG B 20 16.30 -54.51 -1.05
CA ARG B 20 17.09 -53.96 0.04
C ARG B 20 17.98 -52.85 -0.52
N LEU B 21 17.87 -51.65 0.05
CA LEU B 21 18.64 -50.51 -0.43
C LEU B 21 19.83 -50.19 0.45
N LYS B 22 20.98 -49.95 -0.17
CA LYS B 22 22.13 -49.41 0.53
C LYS B 22 21.92 -47.93 0.79
N THR B 23 22.18 -47.49 2.02
CA THR B 23 22.27 -46.07 2.32
C THR B 23 23.53 -45.84 3.16
N PRO B 24 24.16 -44.66 3.00
CA PRO B 24 25.33 -44.22 3.78
C PRO B 24 25.31 -44.65 5.26
N GLY B 25 24.13 -44.70 5.88
CA GLY B 25 24.06 -45.07 7.28
C GLY B 25 23.54 -46.46 7.60
N GLY B 26 23.37 -47.31 6.58
CA GLY B 26 22.84 -48.66 6.82
C GLY B 26 21.68 -49.03 5.91
N PRO B 27 21.30 -50.31 5.92
CA PRO B 27 20.27 -50.80 4.98
C PRO B 27 18.85 -50.30 5.28
N VAL B 28 18.07 -50.15 4.21
CA VAL B 28 16.66 -49.83 4.31
C VAL B 28 15.88 -50.79 3.40
N SER B 29 14.69 -51.22 3.84
CA SER B 29 13.82 -52.03 2.97
C SER B 29 12.92 -51.13 2.13
N ALA B 30 12.87 -51.38 0.83
CA ALA B 30 12.02 -50.59 -0.05
C ALA B 30 11.03 -51.48 -0.82
N PHE B 31 9.78 -51.05 -0.84
CA PHE B 31 8.75 -51.71 -1.62
C PHE B 31 8.22 -50.68 -2.63
N LEU B 32 8.79 -50.74 -3.84
CA LEU B 32 8.56 -49.73 -4.85
C LEU B 32 7.64 -50.23 -5.95
N GLY B 33 6.62 -49.46 -6.29
CA GLY B 33 5.73 -49.85 -7.36
C GLY B 33 4.65 -50.82 -6.92
N ILE B 34 4.05 -50.56 -5.76
CA ILE B 34 2.90 -51.32 -5.29
C ILE B 34 1.61 -50.80 -5.91
N PRO B 35 0.88 -51.65 -6.65
CA PRO B 35 -0.38 -51.23 -7.25
C PRO B 35 -1.45 -50.94 -6.18
N PHE B 36 -2.09 -49.78 -6.21
CA PHE B 36 -3.11 -49.49 -5.21
C PHE B 36 -4.48 -49.24 -5.83
N ALA B 37 -4.48 -49.10 -7.15
CA ALA B 37 -5.72 -48.96 -7.90
C ALA B 37 -5.68 -49.83 -9.16
N GLU B 38 -6.85 -50.18 -9.67
CA GLU B 38 -6.94 -50.72 -11.02
C GLU B 38 -6.45 -49.64 -11.97
N PRO B 39 -5.70 -50.03 -13.00
CA PRO B 39 -5.17 -49.06 -13.96
C PRO B 39 -6.29 -48.21 -14.60
N PRO B 40 -6.21 -46.88 -14.47
CA PRO B 40 -7.29 -46.03 -15.01
C PRO B 40 -7.23 -45.96 -16.54
N MET B 41 -7.35 -47.11 -17.20
CA MET B 41 -7.15 -47.24 -18.64
C MET B 41 -8.47 -47.19 -19.37
N GLY B 42 -8.43 -46.72 -20.61
CA GLY B 42 -9.56 -46.81 -21.52
C GLY B 42 -10.88 -46.26 -21.02
N PRO B 43 -11.82 -47.16 -20.68
CA PRO B 43 -13.11 -46.73 -20.13
C PRO B 43 -12.96 -46.09 -18.75
N ARG B 44 -11.89 -46.42 -18.03
CA ARG B 44 -11.66 -45.86 -16.70
C ARG B 44 -10.93 -44.51 -16.69
N ARG B 45 -10.61 -43.98 -17.87
CA ARG B 45 -10.01 -42.65 -17.94
C ARG B 45 -11.00 -41.58 -17.43
N PHE B 46 -10.50 -40.65 -16.61
CA PHE B 46 -11.29 -39.59 -15.95
C PHE B 46 -12.18 -40.07 -14.81
N LEU B 47 -12.23 -41.37 -14.55
CA LEU B 47 -13.09 -41.88 -13.49
C LEU B 47 -12.35 -41.95 -12.17
N PRO B 48 -13.09 -41.92 -11.06
CA PRO B 48 -12.48 -42.13 -9.74
C PRO B 48 -11.73 -43.45 -9.74
N PRO B 49 -10.65 -43.53 -8.95
CA PRO B 49 -9.86 -44.76 -8.95
C PRO B 49 -10.65 -45.92 -8.30
N GLU B 50 -10.54 -47.12 -8.86
CA GLU B 50 -11.11 -48.32 -8.25
C GLU B 50 -9.98 -48.99 -7.49
N PRO B 51 -10.28 -49.53 -6.31
CA PRO B 51 -9.26 -50.27 -5.56
C PRO B 51 -8.67 -51.45 -6.35
N LYS B 52 -7.37 -51.67 -6.18
CA LYS B 52 -6.69 -52.79 -6.79
C LYS B 52 -7.30 -54.13 -6.35
N GLN B 53 -7.77 -54.92 -7.31
CA GLN B 53 -8.29 -56.25 -7.00
C GLN B 53 -7.19 -57.16 -6.45
N PRO B 54 -7.53 -58.00 -5.46
CA PRO B 54 -6.52 -58.91 -4.88
C PRO B 54 -5.90 -59.80 -5.94
N TRP B 55 -4.65 -60.22 -5.73
CA TRP B 55 -3.93 -61.02 -6.68
C TRP B 55 -3.36 -62.28 -6.01
N SER B 56 -3.15 -63.34 -6.80
CA SER B 56 -2.50 -64.54 -6.30
C SER B 56 -1.02 -64.44 -6.61
N GLY B 57 -0.20 -65.19 -5.88
CA GLY B 57 1.23 -65.15 -6.10
C GLY B 57 1.86 -63.92 -5.49
N VAL B 58 3.08 -63.60 -5.94
CA VAL B 58 3.87 -62.53 -5.38
C VAL B 58 4.15 -61.42 -6.40
N VAL B 59 3.72 -60.21 -6.08
CA VAL B 59 4.04 -59.04 -6.89
C VAL B 59 5.40 -58.50 -6.51
N ASP B 60 6.28 -58.33 -7.49
CA ASP B 60 7.58 -57.72 -7.26
C ASP B 60 7.46 -56.21 -7.18
N ALA B 61 7.63 -55.67 -5.96
CA ALA B 61 7.66 -54.23 -5.75
C ALA B 61 9.11 -53.80 -5.67
N THR B 62 9.81 -53.87 -6.80
CA THR B 62 11.26 -53.77 -6.77
C THR B 62 11.82 -52.61 -7.58
N THR B 63 10.94 -51.80 -8.17
CA THR B 63 11.37 -50.60 -8.87
C THR B 63 10.19 -49.65 -9.03
N PHE B 64 10.46 -48.36 -9.23
CA PHE B 64 9.39 -47.39 -9.42
C PHE B 64 8.64 -47.73 -10.70
N GLN B 65 7.32 -47.60 -10.67
CA GLN B 65 6.51 -47.81 -11.85
C GLN B 65 6.43 -46.58 -12.73
N SER B 66 5.57 -46.63 -13.75
CA SER B 66 5.49 -45.57 -14.74
C SER B 66 5.05 -44.24 -14.17
N VAL B 67 5.48 -43.18 -14.84
CA VAL B 67 5.03 -41.84 -14.56
C VAL B 67 3.68 -41.60 -15.25
N CYS B 68 2.71 -41.01 -14.53
CA CYS B 68 1.44 -40.64 -15.14
C CYS B 68 1.68 -39.70 -16.30
N TYR B 69 0.84 -39.78 -17.33
CA TYR B 69 1.01 -38.92 -18.51
C TYR B 69 1.03 -37.42 -18.17
N GLN B 70 1.93 -36.70 -18.80
CA GLN B 70 2.14 -35.31 -18.45
C GLN B 70 3.01 -34.63 -19.49
N TYR B 71 2.89 -33.32 -19.57
CA TYR B 71 3.75 -32.51 -20.42
C TYR B 71 5.19 -32.55 -19.91
N VAL B 72 6.14 -32.66 -20.84
CA VAL B 72 7.55 -32.74 -20.48
C VAL B 72 8.28 -31.46 -20.82
N ASP B 73 8.84 -30.80 -19.81
CA ASP B 73 9.44 -29.48 -19.99
C ASP B 73 10.68 -29.52 -20.87
N THR B 74 10.71 -28.63 -21.86
CA THR B 74 11.84 -28.57 -22.79
C THR B 74 12.41 -27.17 -22.96
N LEU B 75 12.11 -26.28 -22.02
CA LEU B 75 12.53 -24.88 -22.10
C LEU B 75 14.05 -24.74 -22.07
N TYR B 76 14.69 -25.53 -21.23
CA TYR B 76 16.15 -25.55 -21.17
C TYR B 76 16.65 -27.00 -21.23
N PRO B 77 16.65 -27.59 -22.43
CA PRO B 77 16.94 -29.03 -22.57
C PRO B 77 18.33 -29.36 -22.05
N GLY B 78 18.42 -30.42 -21.25
CA GLY B 78 19.71 -30.84 -20.70
C GLY B 78 20.13 -30.13 -19.43
N PHE B 79 19.49 -28.99 -19.14
CA PHE B 79 19.78 -28.23 -17.93
C PHE B 79 19.31 -28.99 -16.69
N GLU B 80 20.20 -29.14 -15.72
CA GLU B 80 19.88 -29.88 -14.50
C GLU B 80 18.60 -29.37 -13.83
N GLY B 81 18.43 -28.05 -13.80
CA GLY B 81 17.27 -27.44 -13.19
C GLY B 81 15.94 -27.81 -13.84
N THR B 82 15.96 -28.25 -15.09
CA THR B 82 14.73 -28.75 -15.69
C THR B 82 14.64 -30.27 -15.63
N GLU B 83 15.72 -30.95 -15.99
N GLU B 83 15.73 -30.96 -15.98
CA GLU B 83 15.71 -32.42 -16.10
CA GLU B 83 15.71 -32.42 -16.08
C GLU B 83 15.50 -33.16 -14.77
C GLU B 83 15.41 -33.13 -14.77
N MET B 84 15.77 -32.50 -13.65
CA MET B 84 15.54 -33.11 -12.34
C MET B 84 14.05 -33.30 -12.02
N TRP B 85 13.19 -32.55 -12.72
CA TRP B 85 11.75 -32.62 -12.48
C TRP B 85 11.02 -33.44 -13.55
N ASN B 86 11.68 -33.66 -14.68
CA ASN B 86 11.12 -34.43 -15.78
C ASN B 86 11.02 -35.92 -15.45
N PRO B 87 10.08 -36.64 -16.08
CA PRO B 87 9.85 -38.06 -15.81
C PRO B 87 11.11 -38.92 -15.96
N ASN B 88 11.33 -39.82 -15.02
CA ASN B 88 12.44 -40.76 -15.10
C ASN B 88 11.95 -42.20 -15.26
N ARG B 89 10.71 -42.34 -15.74
CA ARG B 89 10.18 -43.62 -16.21
C ARG B 89 9.30 -43.25 -17.39
N GLU B 90 8.89 -44.25 -18.15
CA GLU B 90 8.04 -44.03 -19.31
C GLU B 90 6.69 -43.48 -18.85
N LEU B 91 6.06 -42.68 -19.69
CA LEU B 91 4.72 -42.20 -19.43
C LEU B 91 3.72 -43.31 -19.68
N SER B 92 2.78 -43.47 -18.77
CA SER B 92 1.67 -44.38 -19.00
C SER B 92 0.45 -43.92 -18.20
N GLU B 93 -0.74 -44.19 -18.72
CA GLU B 93 -1.95 -43.99 -17.93
C GLU B 93 -2.03 -45.04 -16.83
N ASP B 94 -1.34 -46.16 -17.05
CA ASP B 94 -1.20 -47.20 -16.03
C ASP B 94 -0.12 -46.78 -15.04
N CYS B 95 -0.47 -45.90 -14.10
CA CYS B 95 0.53 -45.26 -13.23
C CYS B 95 0.20 -45.25 -11.76
N LEU B 96 -0.92 -45.83 -11.37
CA LEU B 96 -1.35 -45.74 -9.97
C LEU B 96 -0.64 -46.71 -9.02
N TYR B 97 0.61 -46.38 -8.71
CA TYR B 97 1.45 -47.19 -7.81
C TYR B 97 1.99 -46.32 -6.67
N LEU B 98 2.19 -46.94 -5.51
CA LEU B 98 2.81 -46.24 -4.39
C LEU B 98 4.04 -46.98 -3.90
N ASN B 99 4.80 -46.31 -3.04
CA ASN B 99 6.09 -46.80 -2.59
C ASN B 99 6.17 -46.75 -1.09
N VAL B 100 6.73 -47.78 -0.48
CA VAL B 100 6.93 -47.79 0.96
C VAL B 100 8.40 -48.04 1.25
N TRP B 101 9.01 -47.18 2.07
CA TRP B 101 10.34 -47.43 2.59
C TRP B 101 10.22 -47.64 4.08
N THR B 102 10.92 -48.65 4.58
CA THR B 102 10.85 -48.98 6.00
C THR B 102 12.26 -49.31 6.47
N PRO B 103 12.52 -49.20 7.78
CA PRO B 103 13.86 -49.56 8.27
C PRO B 103 14.17 -51.05 8.11
N TYR B 104 15.45 -51.38 8.07
CA TYR B 104 15.92 -52.76 7.96
C TYR B 104 16.82 -53.06 9.15
N PRO B 105 16.39 -53.97 10.03
CA PRO B 105 15.16 -54.76 9.91
C PRO B 105 13.89 -53.99 10.27
N ARG B 106 12.78 -54.56 9.83
CA ARG B 106 11.45 -53.98 10.01
C ARG B 106 11.21 -53.69 11.48
N PRO B 107 10.67 -52.49 11.79
CA PRO B 107 10.40 -52.08 13.17
C PRO B 107 9.61 -53.11 13.94
N THR B 108 9.81 -53.17 15.25
CA THR B 108 9.13 -54.14 16.10
C THR B 108 7.87 -53.53 16.70
N SER B 109 7.94 -52.25 17.02
CA SER B 109 6.77 -51.53 17.52
C SER B 109 6.31 -50.56 16.44
N PRO B 110 5.01 -50.21 16.44
CA PRO B 110 4.43 -49.28 15.46
C PRO B 110 5.21 -47.96 15.32
N THR B 111 5.57 -47.64 14.08
CA THR B 111 6.46 -46.53 13.78
C THR B 111 5.70 -45.44 13.01
N PRO B 112 5.90 -44.16 13.39
CA PRO B 112 5.26 -43.03 12.69
C PRO B 112 5.54 -43.02 11.18
N VAL B 113 4.53 -42.59 10.43
CA VAL B 113 4.58 -42.63 8.99
C VAL B 113 4.54 -41.25 8.37
N LEU B 114 5.52 -40.99 7.49
CA LEU B 114 5.48 -39.83 6.62
C LEU B 114 4.93 -40.22 5.23
N VAL B 115 3.92 -39.50 4.77
CA VAL B 115 3.38 -39.73 3.43
C VAL B 115 3.65 -38.53 2.52
N TRP B 116 4.49 -38.71 1.50
CA TRP B 116 4.85 -37.64 0.57
C TRP B 116 3.90 -37.48 -0.60
N ILE B 117 3.54 -36.24 -0.91
CA ILE B 117 2.74 -35.94 -2.10
C ILE B 117 3.48 -34.94 -2.95
N TYR B 118 3.99 -35.37 -4.10
CA TYR B 118 4.77 -34.48 -4.95
C TYR B 118 3.93 -33.36 -5.55
N GLY B 119 4.62 -32.28 -5.94
CA GLY B 119 4.01 -31.21 -6.70
C GLY B 119 4.35 -31.29 -8.19
N GLY B 120 4.05 -30.21 -8.92
CA GLY B 120 4.24 -30.16 -10.35
C GLY B 120 3.10 -29.40 -11.02
N GLY B 121 2.52 -28.45 -10.30
CA GLY B 121 1.47 -27.59 -10.82
C GLY B 121 0.19 -28.32 -11.17
N PHE B 122 0.02 -29.51 -10.57
CA PHE B 122 -1.10 -30.40 -10.86
C PHE B 122 -1.09 -30.98 -12.29
N TYR B 123 -0.05 -30.70 -13.05
CA TYR B 123 0.04 -31.21 -14.42
C TYR B 123 1.27 -32.09 -14.69
N SER B 124 2.15 -32.20 -13.70
CA SER B 124 3.37 -32.98 -13.86
C SER B 124 3.80 -33.50 -12.52
N GLY B 125 4.94 -34.21 -12.50
CA GLY B 125 5.48 -34.77 -11.28
C GLY B 125 5.40 -36.28 -11.23
N ALA B 126 6.11 -36.87 -10.27
CA ALA B 126 6.17 -38.31 -10.11
C ALA B 126 6.84 -38.65 -8.79
N SER B 127 6.44 -39.75 -8.17
CA SER B 127 7.05 -40.13 -6.89
C SER B 127 8.41 -40.78 -7.10
N SER B 128 8.78 -41.03 -8.35
CA SER B 128 10.00 -41.77 -8.66
C SER B 128 11.24 -40.88 -8.79
N LEU B 129 11.04 -39.57 -8.81
CA LEU B 129 12.15 -38.64 -8.99
C LEU B 129 13.25 -38.83 -7.95
N ASP B 130 14.50 -38.64 -8.37
CA ASP B 130 15.65 -38.82 -7.48
C ASP B 130 15.55 -37.98 -6.24
N VAL B 131 15.02 -36.78 -6.40
CA VAL B 131 14.92 -35.82 -5.30
C VAL B 131 13.89 -36.24 -4.23
N TYR B 132 13.02 -37.20 -4.54
CA TYR B 132 12.04 -37.69 -3.57
C TYR B 132 12.43 -39.05 -2.97
N ASP B 133 13.67 -39.46 -3.22
CA ASP B 133 14.18 -40.71 -2.69
C ASP B 133 14.06 -40.77 -1.16
N GLY B 134 13.22 -41.67 -0.68
CA GLY B 134 12.94 -41.77 0.74
C GLY B 134 13.95 -42.54 1.59
N ARG B 135 15.02 -43.06 0.99
CA ARG B 135 15.93 -43.93 1.74
C ARG B 135 16.64 -43.19 2.87
N PHE B 136 17.02 -41.94 2.65
CA PHE B 136 17.82 -41.20 3.62
C PHE B 136 17.01 -40.80 4.86
N LEU B 137 15.79 -40.32 4.64
CA LEU B 137 14.88 -40.01 5.71
C LEU B 137 14.62 -41.22 6.58
N VAL B 138 14.36 -42.35 5.94
CA VAL B 138 13.99 -43.55 6.68
C VAL B 138 15.16 -44.04 7.51
N GLN B 139 16.35 -43.99 6.91
CA GLN B 139 17.56 -44.36 7.61
C GLN B 139 17.91 -43.42 8.78
N ALA B 140 17.95 -42.11 8.51
CA ALA B 140 18.34 -41.14 9.55
C ALA B 140 17.37 -41.11 10.73
N GLU B 141 16.08 -41.24 10.46
CA GLU B 141 15.07 -40.93 11.47
C GLU B 141 14.16 -42.07 11.88
N ARG B 142 14.35 -43.24 11.26
CA ARG B 142 13.59 -44.45 11.57
C ARG B 142 12.09 -44.22 11.55
N THR B 143 11.60 -43.62 10.48
CA THR B 143 10.17 -43.57 10.22
C THR B 143 9.86 -44.49 9.04
N VAL B 144 8.59 -44.70 8.79
CA VAL B 144 8.17 -45.31 7.53
C VAL B 144 7.81 -44.17 6.58
N LEU B 145 8.28 -44.25 5.34
CA LEU B 145 7.95 -43.25 4.34
C LEU B 145 7.15 -43.89 3.19
N VAL B 146 6.03 -43.27 2.86
CA VAL B 146 5.19 -43.69 1.74
C VAL B 146 5.05 -42.54 0.76
N SER B 147 5.11 -42.83 -0.54
CA SER B 147 4.77 -41.83 -1.53
C SER B 147 3.92 -42.48 -2.61
N MET B 148 3.03 -41.71 -3.24
CA MET B 148 2.20 -42.29 -4.28
C MET B 148 2.27 -41.49 -5.56
N ASN B 149 1.93 -42.16 -6.66
CA ASN B 149 1.63 -41.46 -7.90
C ASN B 149 0.14 -41.14 -7.95
N TYR B 150 -0.19 -40.04 -8.59
CA TYR B 150 -1.59 -39.67 -8.74
C TYR B 150 -1.70 -39.00 -10.10
N ARG B 151 -2.85 -39.13 -10.74
CA ARG B 151 -3.04 -38.61 -12.08
C ARG B 151 -2.97 -37.08 -12.08
N VAL B 152 -2.30 -36.55 -13.10
CA VAL B 152 -2.13 -35.11 -13.24
C VAL B 152 -2.70 -34.66 -14.58
N GLY B 153 -2.72 -33.34 -14.82
CA GLY B 153 -3.23 -32.80 -16.06
C GLY B 153 -4.68 -33.19 -16.28
N ALA B 154 -5.11 -33.26 -17.54
CA ALA B 154 -6.50 -33.63 -17.82
C ALA B 154 -6.86 -34.99 -17.21
N PHE B 155 -5.92 -35.92 -17.18
CA PHE B 155 -6.20 -37.27 -16.70
C PHE B 155 -6.59 -37.28 -15.22
N GLY B 156 -6.16 -36.26 -14.50
CA GLY B 156 -6.41 -36.19 -13.07
C GLY B 156 -7.44 -35.14 -12.68
N PHE B 157 -7.58 -34.11 -13.49
CA PHE B 157 -8.31 -32.92 -13.05
C PHE B 157 -9.20 -32.27 -14.09
N LEU B 158 -9.38 -32.92 -15.24
CA LEU B 158 -10.35 -32.43 -16.19
C LEU B 158 -11.71 -32.69 -15.57
N ALA B 159 -12.56 -31.66 -15.59
CA ALA B 159 -13.85 -31.78 -14.94
C ALA B 159 -14.97 -31.30 -15.84
N LEU B 160 -16.01 -32.09 -15.95
CA LEU B 160 -17.28 -31.61 -16.46
C LEU B 160 -18.22 -31.77 -15.28
N PRO B 161 -18.28 -30.75 -14.43
CA PRO B 161 -18.96 -30.87 -13.14
C PRO B 161 -20.39 -31.30 -13.35
N GLY B 162 -20.87 -32.20 -12.48
CA GLY B 162 -22.19 -32.78 -12.65
C GLY B 162 -22.16 -34.18 -13.28
N SER B 163 -21.36 -34.35 -14.33
CA SER B 163 -21.29 -35.63 -15.05
C SER B 163 -20.70 -36.75 -14.20
N ARG B 164 -21.12 -37.98 -14.52
CA ARG B 164 -20.57 -39.16 -13.86
C ARG B 164 -19.30 -39.59 -14.56
N GLU B 165 -19.16 -39.19 -15.83
CA GLU B 165 -18.07 -39.69 -16.67
C GLU B 165 -16.76 -38.89 -16.55
N ALA B 166 -16.83 -37.66 -16.07
CA ALA B 166 -15.63 -36.87 -15.78
C ALA B 166 -15.90 -35.89 -14.66
N PRO B 167 -16.08 -36.43 -13.43
CA PRO B 167 -16.52 -35.62 -12.29
C PRO B 167 -15.47 -34.63 -11.77
N GLY B 168 -14.22 -34.83 -12.16
CA GLY B 168 -13.13 -33.99 -11.68
C GLY B 168 -12.56 -34.46 -10.36
N ASN B 169 -11.40 -33.92 -10.02
CA ASN B 169 -10.72 -34.23 -8.77
C ASN B 169 -10.28 -35.69 -8.59
N VAL B 170 -10.24 -36.47 -9.68
CA VAL B 170 -9.88 -37.87 -9.54
C VAL B 170 -8.42 -38.03 -9.08
N GLY B 171 -7.56 -37.11 -9.49
CA GLY B 171 -6.21 -37.05 -8.96
C GLY B 171 -6.16 -36.94 -7.45
N LEU B 172 -7.07 -36.17 -6.86
CA LEU B 172 -7.12 -36.05 -5.41
C LEU B 172 -7.67 -37.34 -4.82
N LEU B 173 -8.61 -37.96 -5.54
CA LEU B 173 -9.14 -39.26 -5.13
C LEU B 173 -8.09 -40.36 -5.18
N ASP B 174 -7.19 -40.28 -6.17
CA ASP B 174 -6.03 -41.17 -6.23
C ASP B 174 -5.23 -41.05 -4.93
N GLN B 175 -4.99 -39.80 -4.52
CA GLN B 175 -4.26 -39.54 -3.30
C GLN B 175 -5.00 -40.10 -2.09
N ARG B 176 -6.31 -39.85 -2.02
CA ARG B 176 -7.13 -40.40 -0.94
C ARG B 176 -7.03 -41.93 -0.85
N LEU B 177 -7.11 -42.58 -2.01
CA LEU B 177 -7.08 -44.04 -2.06
C LEU B 177 -5.78 -44.56 -1.47
N ALA B 178 -4.68 -43.91 -1.84
CA ALA B 178 -3.37 -44.26 -1.28
C ALA B 178 -3.35 -44.12 0.25
N LEU B 179 -3.96 -43.04 0.75
CA LEU B 179 -4.04 -42.81 2.20
C LEU B 179 -4.86 -43.91 2.87
N GLN B 180 -5.99 -44.27 2.27
CA GLN B 180 -6.77 -45.43 2.72
C GLN B 180 -5.94 -46.71 2.71
N TRP B 181 -5.14 -46.88 1.66
CA TRP B 181 -4.25 -48.04 1.57
C TRP B 181 -3.27 -48.04 2.73
N VAL B 182 -2.74 -46.86 3.05
CA VAL B 182 -1.82 -46.70 4.18
C VAL B 182 -2.48 -47.14 5.50
N GLN B 183 -3.72 -46.71 5.71
CA GLN B 183 -4.46 -47.11 6.91
C GLN B 183 -4.61 -48.61 7.00
N GLU B 184 -5.05 -49.22 5.90
CA GLU B 184 -5.28 -50.67 5.90
C GLU B 184 -4.00 -51.50 5.93
N ASN B 185 -2.90 -50.98 5.39
CA ASN B 185 -1.73 -51.82 5.13
C ASN B 185 -0.38 -51.43 5.74
N VAL B 186 -0.23 -50.21 6.24
CA VAL B 186 1.10 -49.75 6.64
C VAL B 186 1.65 -50.52 7.84
N ALA B 187 0.74 -51.09 8.64
CA ALA B 187 1.16 -51.83 9.83
C ALA B 187 1.98 -53.06 9.45
N ALA B 188 1.62 -53.67 8.33
CA ALA B 188 2.38 -54.80 7.80
C ALA B 188 3.85 -54.46 7.53
N PHE B 189 4.17 -53.17 7.42
CA PHE B 189 5.56 -52.74 7.20
C PHE B 189 6.19 -52.22 8.47
N GLY B 190 5.45 -52.28 9.57
CA GLY B 190 5.96 -51.78 10.84
C GLY B 190 5.47 -50.36 11.15
N GLY B 191 4.64 -49.84 10.27
CA GLY B 191 4.13 -48.49 10.41
C GLY B 191 2.92 -48.36 11.31
N ASP B 192 2.75 -47.17 11.87
CA ASP B 192 1.65 -46.88 12.79
C ASP B 192 0.56 -46.10 12.09
N PRO B 193 -0.56 -46.76 11.78
CA PRO B 193 -1.68 -46.06 11.13
C PRO B 193 -2.31 -44.94 11.97
N THR B 194 -1.96 -44.88 13.26
CA THR B 194 -2.48 -43.83 14.14
C THR B 194 -1.53 -42.64 14.24
N SER B 195 -0.37 -42.72 13.60
CA SER B 195 0.52 -41.58 13.52
C SER B 195 0.97 -41.35 12.08
N VAL B 196 0.10 -40.73 11.29
CA VAL B 196 0.40 -40.48 9.89
C VAL B 196 0.49 -38.98 9.59
N THR B 197 1.64 -38.57 9.07
CA THR B 197 1.89 -37.17 8.76
C THR B 197 2.01 -36.96 7.25
N LEU B 198 1.07 -36.22 6.67
CA LEU B 198 1.17 -35.88 5.25
C LEU B 198 2.17 -34.77 5.07
N PHE B 199 2.98 -34.85 4.02
CA PHE B 199 3.74 -33.69 3.60
C PHE B 199 3.84 -33.61 2.08
N GLY B 200 3.91 -32.39 1.59
CA GLY B 200 3.97 -32.13 0.17
C GLY B 200 4.47 -30.72 -0.10
N GLU B 201 4.91 -30.48 -1.33
CA GLU B 201 5.48 -29.20 -1.69
C GLU B 201 4.74 -28.68 -2.91
N SER B 202 4.48 -27.37 -2.92
CA SER B 202 3.77 -26.71 -4.02
C SER B 202 2.39 -27.31 -4.24
N ALA B 203 2.13 -27.80 -5.45
CA ALA B 203 0.86 -28.51 -5.72
C ALA B 203 0.62 -29.66 -4.74
N GLY B 204 1.70 -30.31 -4.30
CA GLY B 204 1.59 -31.33 -3.27
C GLY B 204 1.19 -30.75 -1.92
N ALA B 205 1.66 -29.55 -1.63
CA ALA B 205 1.29 -28.85 -0.40
C ALA B 205 -0.17 -28.43 -0.47
N ALA B 206 -0.56 -27.86 -1.61
CA ALA B 206 -1.96 -27.54 -1.83
C ALA B 206 -2.86 -28.79 -1.70
N SER B 207 -2.39 -29.95 -2.19
CA SER B 207 -3.15 -31.20 -2.06
C SER B 207 -3.32 -31.56 -0.60
N VAL B 208 -2.22 -31.49 0.15
CA VAL B 208 -2.27 -31.77 1.59
C VAL B 208 -3.35 -30.94 2.26
N GLY B 209 -3.35 -29.64 1.98
CA GLY B 209 -4.33 -28.72 2.51
C GLY B 209 -5.75 -29.10 2.13
N MET B 210 -5.93 -29.57 0.91
CA MET B 210 -7.25 -30.02 0.50
C MET B 210 -7.73 -31.25 1.26
N HIS B 211 -6.81 -32.15 1.61
CA HIS B 211 -7.18 -33.29 2.44
C HIS B 211 -7.57 -32.84 3.85
N LEU B 212 -6.90 -31.80 4.35
CA LEU B 212 -7.29 -31.16 5.60
C LEU B 212 -8.74 -30.65 5.56
N LEU B 213 -9.14 -30.09 4.42
CA LEU B 213 -10.42 -29.41 4.31
C LEU B 213 -11.54 -30.31 3.80
N SER B 214 -11.24 -31.59 3.63
CA SER B 214 -12.22 -32.55 3.12
C SER B 214 -12.37 -33.68 4.12
N PRO B 215 -13.52 -33.74 4.80
CA PRO B 215 -13.73 -34.70 5.90
C PRO B 215 -13.37 -36.17 5.61
N PRO B 216 -13.78 -36.74 4.45
CA PRO B 216 -13.41 -38.15 4.24
C PRO B 216 -11.90 -38.38 4.20
N SER B 217 -11.11 -37.38 3.80
CA SER B 217 -9.65 -37.50 3.83
C SER B 217 -9.12 -37.30 5.23
N ARG B 218 -9.76 -36.40 5.96
CA ARG B 218 -9.23 -35.88 7.21
C ARG B 218 -9.04 -36.96 8.29
N GLY B 219 -9.83 -38.02 8.21
CA GLY B 219 -9.69 -39.14 9.14
C GLY B 219 -8.53 -40.09 8.84
N LEU B 220 -7.79 -39.86 7.76
CA LEU B 220 -6.73 -40.80 7.35
C LEU B 220 -5.32 -40.33 7.73
N PHE B 221 -5.21 -39.16 8.34
CA PHE B 221 -3.91 -38.68 8.83
C PHE B 221 -4.10 -37.83 10.07
N HIS B 222 -3.00 -37.42 10.70
CA HIS B 222 -3.06 -36.72 11.98
C HIS B 222 -2.35 -35.37 12.00
N ARG B 223 -1.36 -35.21 11.14
CA ARG B 223 -0.62 -33.98 11.06
C ARG B 223 -0.31 -33.67 9.60
N ALA B 224 0.06 -32.42 9.35
CA ALA B 224 0.27 -31.96 7.99
C ALA B 224 1.47 -31.05 7.89
N VAL B 225 2.20 -31.15 6.78
CA VAL B 225 3.31 -30.26 6.45
C VAL B 225 3.08 -29.69 5.05
N LEU B 226 3.01 -28.36 4.94
CA LEU B 226 2.78 -27.72 3.65
C LEU B 226 3.96 -26.87 3.26
N GLN B 227 4.73 -27.33 2.27
CA GLN B 227 5.93 -26.63 1.85
C GLN B 227 5.65 -25.80 0.60
N SER B 228 5.73 -24.47 0.72
CA SER B 228 5.60 -23.58 -0.43
C SER B 228 4.30 -23.79 -1.21
N GLY B 229 3.19 -23.99 -0.50
CA GLY B 229 1.93 -24.19 -1.17
C GLY B 229 0.79 -24.24 -0.18
N ALA B 230 -0.41 -23.91 -0.64
CA ALA B 230 -1.57 -23.80 0.20
C ALA B 230 -2.78 -24.06 -0.67
N PRO B 231 -3.82 -24.70 -0.12
CA PRO B 231 -5.00 -25.03 -0.93
C PRO B 231 -5.73 -23.78 -1.39
N ASN B 232 -5.56 -22.67 -0.66
CA ASN B 232 -6.22 -21.40 -0.99
C ASN B 232 -5.49 -20.50 -2.01
N GLY B 233 -4.33 -20.92 -2.48
CA GLY B 233 -3.70 -20.18 -3.58
C GLY B 233 -4.58 -20.03 -4.82
N PRO B 234 -4.56 -18.84 -5.47
CA PRO B 234 -5.34 -18.50 -6.67
C PRO B 234 -5.07 -19.38 -7.91
N TRP B 235 -4.16 -20.34 -7.80
CA TRP B 235 -3.82 -21.22 -8.93
C TRP B 235 -4.28 -22.65 -8.66
N ALA B 236 -4.53 -22.97 -7.41
CA ALA B 236 -4.71 -24.35 -6.95
C ALA B 236 -6.10 -24.90 -7.15
N THR B 237 -7.08 -24.02 -7.27
CA THR B 237 -8.43 -24.48 -7.56
C THR B 237 -9.05 -23.64 -8.64
N VAL B 238 -10.13 -24.16 -9.21
CA VAL B 238 -10.85 -23.47 -10.26
C VAL B 238 -12.35 -23.67 -9.96
N GLY B 239 -13.19 -22.71 -10.36
CA GLY B 239 -14.63 -22.86 -10.16
C GLY B 239 -15.25 -23.84 -11.16
N MET B 240 -16.51 -24.20 -10.95
CA MET B 240 -17.17 -25.22 -11.78
C MET B 240 -17.29 -24.81 -13.24
N GLY B 241 -17.67 -23.56 -13.48
CA GLY B 241 -17.89 -23.10 -14.83
C GLY B 241 -16.60 -22.95 -15.60
N GLU B 242 -15.56 -22.47 -14.93
CA GLU B 242 -14.27 -22.33 -15.59
C GLU B 242 -13.65 -23.71 -15.88
N ALA B 243 -13.89 -24.68 -15.00
CA ALA B 243 -13.44 -26.05 -15.25
C ALA B 243 -14.15 -26.63 -16.48
N ARG B 244 -15.45 -26.39 -16.58
CA ARG B 244 -16.22 -26.87 -17.72
C ARG B 244 -15.76 -26.21 -19.00
N ARG B 245 -15.45 -24.92 -18.91
CA ARG B 245 -15.01 -24.17 -20.09
C ARG B 245 -13.71 -24.75 -20.64
N ARG B 246 -12.80 -25.07 -19.72
CA ARG B 246 -11.48 -25.62 -20.08
C ARG B 246 -11.57 -27.06 -20.64
N ALA B 247 -12.38 -27.89 -20.00
CA ALA B 247 -12.62 -29.26 -20.45
C ALA B 247 -13.13 -29.22 -21.88
N THR B 248 -14.15 -28.38 -22.07
CA THR B 248 -14.84 -28.27 -23.35
C THR B 248 -13.93 -27.73 -24.43
N GLN B 249 -13.08 -26.79 -24.06
CA GLN B 249 -12.12 -26.23 -25.00
C GLN B 249 -11.09 -27.28 -25.44
N LEU B 250 -10.67 -28.13 -24.51
CA LEU B 250 -9.71 -29.18 -24.82
C LEU B 250 -10.35 -30.17 -25.79
N ALA B 251 -11.57 -30.60 -25.47
CA ALA B 251 -12.31 -31.53 -26.32
C ALA B 251 -12.41 -30.96 -27.71
N HIS B 252 -12.78 -29.68 -27.79
CA HIS B 252 -12.89 -29.00 -29.07
C HIS B 252 -11.56 -29.02 -29.83
N LEU B 253 -10.47 -28.79 -29.12
CA LEU B 253 -9.14 -28.76 -29.75
C LEU B 253 -8.71 -30.11 -30.32
N VAL B 254 -9.24 -31.20 -29.79
CA VAL B 254 -8.86 -32.52 -30.25
C VAL B 254 -9.98 -33.23 -31.02
N GLY B 255 -10.97 -32.46 -31.47
CA GLY B 255 -12.03 -32.97 -32.31
C GLY B 255 -13.25 -33.57 -31.62
N CYS B 256 -13.57 -33.10 -30.43
CA CYS B 256 -14.73 -33.60 -29.70
C CYS B 256 -15.68 -32.47 -29.30
N PRO B 257 -16.97 -32.61 -29.64
CA PRO B 257 -17.47 -33.73 -30.45
C PRO B 257 -17.28 -33.36 -31.91
N PRO B 258 -17.40 -34.35 -32.81
CA PRO B 258 -17.30 -34.08 -34.26
C PRO B 258 -18.50 -33.31 -34.77
N THR B 261 -18.50 -28.68 -30.15
CA THR B 261 -18.38 -28.07 -28.82
C THR B 261 -19.52 -28.46 -27.89
N GLY B 262 -19.17 -28.98 -26.72
CA GLY B 262 -20.16 -29.31 -25.71
C GLY B 262 -21.07 -30.44 -26.12
N GLY B 263 -22.35 -30.35 -25.74
CA GLY B 263 -23.33 -31.38 -26.03
C GLY B 263 -23.50 -32.34 -24.87
N ASN B 264 -23.93 -33.56 -25.17
CA ASN B 264 -24.04 -34.63 -24.19
C ASN B 264 -22.68 -34.82 -23.51
N ASP B 265 -22.63 -34.68 -22.18
CA ASP B 265 -21.37 -34.89 -21.47
C ASP B 265 -20.87 -36.32 -21.69
N THR B 266 -21.76 -37.30 -21.55
CA THR B 266 -21.42 -38.71 -21.76
C THR B 266 -20.75 -38.94 -23.11
N GLU B 267 -21.31 -38.33 -24.15
CA GLU B 267 -20.77 -38.48 -25.49
C GLU B 267 -19.44 -37.76 -25.66
N LEU B 268 -19.35 -36.55 -25.10
CA LEU B 268 -18.11 -35.77 -25.20
C LEU B 268 -16.96 -36.50 -24.51
N VAL B 269 -17.23 -37.07 -23.34
CA VAL B 269 -16.19 -37.78 -22.63
C VAL B 269 -15.79 -39.05 -23.38
N ALA B 270 -16.78 -39.75 -23.94
CA ALA B 270 -16.51 -40.96 -24.71
C ALA B 270 -15.59 -40.66 -25.89
N CYS B 271 -15.81 -39.53 -26.57
CA CYS B 271 -14.92 -39.12 -27.64
C CYS B 271 -13.50 -38.78 -27.12
N LEU B 272 -13.41 -38.13 -25.96
CA LEU B 272 -12.09 -37.86 -25.36
C LEU B 272 -11.39 -39.17 -25.02
N ARG B 273 -12.15 -40.16 -24.56
CA ARG B 273 -11.56 -41.44 -24.18
C ARG B 273 -10.91 -42.19 -25.33
N THR B 274 -11.21 -41.79 -26.57
CA THR B 274 -10.66 -42.46 -27.74
C THR B 274 -9.39 -41.79 -28.23
N ARG B 275 -9.11 -40.62 -27.68
CA ARG B 275 -7.91 -39.87 -28.06
C ARG B 275 -6.67 -40.41 -27.36
N PRO B 276 -5.57 -40.58 -28.11
CA PRO B 276 -4.33 -41.03 -27.48
C PRO B 276 -3.91 -40.06 -26.39
N ALA B 277 -3.44 -40.59 -25.26
CA ALA B 277 -3.00 -39.78 -24.13
C ALA B 277 -2.12 -38.60 -24.56
N GLN B 278 -1.13 -38.87 -25.41
CA GLN B 278 -0.19 -37.84 -25.82
C GLN B 278 -0.89 -36.70 -26.55
N VAL B 279 -1.97 -37.01 -27.26
CA VAL B 279 -2.71 -35.99 -27.98
C VAL B 279 -3.35 -34.97 -27.02
N LEU B 280 -3.93 -35.47 -25.93
CA LEU B 280 -4.47 -34.58 -24.92
C LEU B 280 -3.36 -33.69 -24.35
N VAL B 281 -2.26 -34.31 -23.95
CA VAL B 281 -1.11 -33.60 -23.39
C VAL B 281 -0.59 -32.50 -24.31
N ASN B 282 -0.55 -32.77 -25.61
CA ASN B 282 -0.04 -31.79 -26.55
C ASN B 282 -0.87 -30.52 -26.66
N HIS B 283 -2.15 -30.60 -26.28
CA HIS B 283 -3.04 -29.44 -26.39
C HIS B 283 -3.34 -28.79 -25.06
N GLU B 284 -2.84 -29.39 -23.98
CA GLU B 284 -3.15 -28.99 -22.61
C GLU B 284 -2.99 -27.48 -22.35
N TRP B 285 -1.84 -26.94 -22.77
CA TRP B 285 -1.53 -25.54 -22.49
C TRP B 285 -2.43 -24.54 -23.20
N HIS B 286 -3.10 -24.99 -24.25
CA HIS B 286 -3.85 -24.10 -25.13
C HIS B 286 -5.25 -23.74 -24.62
N VAL B 287 -5.64 -24.24 -23.45
CA VAL B 287 -6.99 -23.94 -22.97
C VAL B 287 -7.05 -22.80 -21.93
N LEU B 288 -5.89 -22.31 -21.50
CA LEU B 288 -5.86 -21.21 -20.53
C LEU B 288 -6.38 -19.91 -21.13
N PRO B 289 -7.21 -19.18 -20.37
CA PRO B 289 -7.91 -17.97 -20.82
C PRO B 289 -6.98 -16.83 -21.27
N GLN B 290 -5.91 -16.55 -20.54
CA GLN B 290 -4.95 -15.52 -20.95
C GLN B 290 -3.51 -15.97 -20.74
N GLU B 291 -2.57 -15.22 -21.31
CA GLU B 291 -1.15 -15.49 -21.11
C GLU B 291 -0.75 -15.15 -19.66
N SER B 292 -0.03 -16.07 -19.03
CA SER B 292 0.19 -15.97 -17.59
C SER B 292 1.40 -16.77 -17.14
N VAL B 293 1.77 -16.56 -15.88
CA VAL B 293 2.70 -17.44 -15.20
C VAL B 293 1.97 -17.93 -13.95
N PHE B 294 2.39 -19.09 -13.44
CA PHE B 294 1.77 -19.67 -12.26
C PHE B 294 0.26 -19.94 -12.46
N ARG B 295 -0.14 -20.27 -13.68
CA ARG B 295 -1.52 -20.74 -13.93
C ARG B 295 -1.51 -22.04 -14.72
N PHE B 296 -2.31 -23.00 -14.29
CA PHE B 296 -2.28 -24.32 -14.88
C PHE B 296 -3.70 -24.76 -15.23
N SER B 297 -3.83 -25.46 -16.35
CA SER B 297 -5.12 -25.68 -17.00
C SER B 297 -6.08 -26.53 -16.19
N PHE B 298 -5.57 -27.64 -15.66
CA PHE B 298 -6.41 -28.60 -14.97
C PHE B 298 -5.95 -28.80 -13.54
N VAL B 299 -6.78 -28.31 -12.61
CA VAL B 299 -6.44 -28.29 -11.19
C VAL B 299 -7.70 -28.69 -10.45
N PRO B 300 -7.61 -28.93 -9.12
CA PRO B 300 -8.83 -29.25 -8.37
C PRO B 300 -9.97 -28.26 -8.59
N VAL B 301 -11.19 -28.78 -8.67
CA VAL B 301 -12.38 -27.97 -8.93
C VAL B 301 -13.21 -27.88 -7.66
N VAL B 302 -13.72 -26.68 -7.36
CA VAL B 302 -14.63 -26.51 -6.24
C VAL B 302 -16.04 -26.83 -6.72
N ASP B 303 -16.52 -28.03 -6.41
CA ASP B 303 -17.80 -28.49 -6.95
C ASP B 303 -18.79 -28.95 -5.87
N GLY B 304 -18.43 -28.75 -4.61
CA GLY B 304 -19.32 -29.11 -3.52
C GLY B 304 -19.07 -30.51 -2.99
N ASP B 305 -18.30 -31.29 -3.74
CA ASP B 305 -18.09 -32.68 -3.34
C ASP B 305 -16.82 -32.86 -2.50
N PHE B 306 -15.67 -33.05 -3.16
CA PHE B 306 -14.41 -33.17 -2.44
C PHE B 306 -14.20 -31.95 -1.55
N LEU B 307 -14.45 -30.77 -2.12
CA LEU B 307 -14.43 -29.49 -1.41
C LEU B 307 -15.83 -28.91 -1.37
N SER B 308 -16.40 -28.80 -0.17
CA SER B 308 -17.79 -28.32 -0.03
C SER B 308 -17.94 -26.83 -0.38
N ASP B 309 -16.85 -26.09 -0.25
CA ASP B 309 -16.81 -24.67 -0.57
C ASP B 309 -15.36 -24.36 -0.96
N THR B 310 -15.06 -23.11 -1.30
CA THR B 310 -13.70 -22.71 -1.61
C THR B 310 -12.81 -23.00 -0.41
N PRO B 311 -11.53 -23.32 -0.66
CA PRO B 311 -10.62 -23.58 0.45
C PRO B 311 -10.51 -22.35 1.37
N GLU B 312 -10.60 -21.16 0.80
CA GLU B 312 -10.57 -19.94 1.60
C GLU B 312 -11.70 -19.95 2.65
N ALA B 313 -12.93 -20.18 2.19
CA ALA B 313 -14.08 -20.27 3.09
C ALA B 313 -13.93 -21.39 4.14
N LEU B 314 -13.47 -22.56 3.71
CA LEU B 314 -13.37 -23.72 4.61
C LEU B 314 -12.31 -23.50 5.68
N ILE B 315 -11.24 -22.83 5.29
CA ILE B 315 -10.20 -22.44 6.21
C ILE B 315 -10.79 -21.44 7.23
N ASN B 316 -11.40 -20.38 6.71
CA ASN B 316 -11.97 -19.34 7.57
C ASN B 316 -13.02 -19.83 8.56
N ALA B 317 -13.74 -20.88 8.18
CA ALA B 317 -14.89 -21.35 8.96
C ALA B 317 -14.68 -22.72 9.57
N GLY B 318 -13.45 -23.06 9.91
CA GLY B 318 -13.18 -24.41 10.37
C GLY B 318 -12.65 -24.48 11.78
N ASP B 319 -12.92 -25.59 12.45
CA ASP B 319 -12.39 -25.83 13.78
C ASP B 319 -11.19 -26.76 13.64
N PHE B 320 -10.02 -26.27 14.03
CA PHE B 320 -8.78 -27.00 13.81
C PHE B 320 -8.09 -27.40 15.11
N HIS B 321 -8.85 -27.46 16.20
CA HIS B 321 -8.30 -27.95 17.46
C HIS B 321 -7.84 -29.40 17.32
N GLY B 322 -6.67 -29.70 17.87
CA GLY B 322 -6.13 -31.04 17.84
C GLY B 322 -5.25 -31.31 16.63
N LEU B 323 -5.08 -30.29 15.79
CA LEU B 323 -4.29 -30.40 14.58
C LEU B 323 -2.95 -29.68 14.74
N GLN B 324 -1.87 -30.35 14.36
CA GLN B 324 -0.57 -29.69 14.26
C GLN B 324 -0.15 -29.61 12.80
N VAL B 325 0.38 -28.46 12.41
CA VAL B 325 0.74 -28.20 11.04
C VAL B 325 2.07 -27.48 11.00
N LEU B 326 2.95 -27.90 10.10
CA LEU B 326 4.20 -27.20 9.82
C LEU B 326 4.09 -26.62 8.41
N VAL B 327 4.40 -25.33 8.25
CA VAL B 327 4.26 -24.65 6.96
C VAL B 327 5.45 -23.75 6.71
N GLY B 328 5.69 -23.43 5.45
CA GLY B 328 6.85 -22.61 5.14
C GLY B 328 6.98 -22.26 3.68
N VAL B 329 8.00 -21.47 3.37
CA VAL B 329 8.23 -20.99 2.02
C VAL B 329 9.75 -20.92 1.84
N VAL B 330 10.22 -20.85 0.60
CA VAL B 330 11.63 -20.55 0.34
C VAL B 330 11.83 -19.04 0.27
N LYS B 331 13.07 -18.57 0.19
CA LYS B 331 13.33 -17.15 0.25
C LYS B 331 12.79 -16.41 -0.99
N ASP B 332 12.90 -17.05 -2.14
CA ASP B 332 12.51 -16.41 -3.40
C ASP B 332 11.46 -17.22 -4.17
N GLU B 333 10.23 -17.17 -3.70
CA GLU B 333 9.15 -17.99 -4.23
C GLU B 333 8.83 -17.71 -5.69
N GLY B 334 9.03 -16.46 -6.10
CA GLY B 334 8.58 -16.04 -7.42
C GLY B 334 9.57 -16.13 -8.56
N SER B 335 10.86 -16.11 -8.25
CA SER B 335 11.89 -16.03 -9.30
C SER B 335 11.81 -17.14 -10.37
N TYR B 336 11.61 -18.38 -9.95
CA TYR B 336 11.58 -19.48 -10.91
C TYR B 336 10.53 -19.27 -11.97
N PHE B 337 9.39 -18.70 -11.59
CA PHE B 337 8.27 -18.58 -12.50
C PHE B 337 8.41 -17.47 -13.53
N LEU B 338 9.30 -16.52 -13.25
CA LEU B 338 9.50 -15.39 -14.16
C LEU B 338 10.23 -15.78 -15.45
N VAL B 339 11.10 -16.79 -15.38
CA VAL B 339 11.81 -17.23 -16.57
C VAL B 339 10.97 -18.18 -17.42
N TYR B 340 9.69 -18.32 -17.07
CA TYR B 340 8.76 -19.11 -17.87
C TYR B 340 7.63 -18.29 -18.45
N GLY B 341 7.91 -17.04 -18.86
CA GLY B 341 6.87 -16.27 -19.53
C GLY B 341 6.95 -14.76 -19.44
N ALA B 342 7.30 -14.25 -18.27
CA ALA B 342 7.40 -12.81 -18.04
C ALA B 342 8.38 -12.13 -18.99
N PRO B 343 7.97 -11.00 -19.60
CA PRO B 343 8.79 -10.29 -20.58
C PRO B 343 10.10 -9.81 -19.99
N GLY B 344 11.21 -10.05 -20.69
CA GLY B 344 12.51 -9.58 -20.27
C GLY B 344 13.30 -10.55 -19.39
N PHE B 345 12.73 -11.73 -19.15
CA PHE B 345 13.33 -12.67 -18.20
C PHE B 345 14.03 -13.88 -18.83
N SER B 346 15.18 -14.23 -18.26
CA SER B 346 15.93 -15.41 -18.68
C SER B 346 16.84 -15.89 -17.55
N LYS B 347 17.02 -17.20 -17.44
CA LYS B 347 18.01 -17.75 -16.51
C LYS B 347 19.42 -17.42 -16.99
N ASP B 348 19.53 -17.00 -18.26
CA ASP B 348 20.84 -16.84 -18.89
C ASP B 348 21.35 -15.40 -18.94
N ASN B 349 20.50 -14.44 -18.62
CA ASN B 349 20.98 -13.08 -18.33
C ASN B 349 20.47 -12.55 -16.99
N GLU B 350 20.78 -11.30 -16.69
CA GLU B 350 20.48 -10.74 -15.39
C GLU B 350 18.99 -10.43 -15.20
N SER B 351 18.23 -10.54 -16.28
CA SER B 351 16.80 -10.20 -16.26
C SER B 351 16.52 -8.84 -15.62
N LEU B 352 17.35 -7.86 -15.96
CA LEU B 352 17.21 -6.49 -15.46
C LEU B 352 16.18 -5.73 -16.27
N ILE B 353 14.90 -5.90 -15.93
CA ILE B 353 13.80 -5.38 -16.72
C ILE B 353 13.56 -3.86 -16.61
N SER B 354 12.85 -3.34 -17.59
CA SER B 354 12.47 -1.94 -17.64
C SER B 354 11.11 -1.76 -16.96
N ARG B 355 10.72 -0.51 -16.76
CA ARG B 355 9.46 -0.20 -16.12
C ARG B 355 8.30 -0.72 -16.97
N ALA B 356 8.40 -0.54 -18.28
CA ALA B 356 7.35 -1.01 -19.16
C ALA B 356 7.23 -2.53 -19.11
N GLU B 357 8.36 -3.21 -19.01
CA GLU B 357 8.36 -4.66 -18.90
C GLU B 357 7.79 -5.13 -17.55
N PHE B 358 8.08 -4.35 -16.50
CA PHE B 358 7.54 -4.61 -15.17
C PHE B 358 6.02 -4.53 -15.18
N LEU B 359 5.48 -3.45 -15.74
CA LEU B 359 4.03 -3.26 -15.81
C LEU B 359 3.38 -4.35 -16.62
N ALA B 360 4.06 -4.78 -17.67
CA ALA B 360 3.55 -5.85 -18.51
C ALA B 360 3.56 -7.14 -17.73
N GLY B 361 4.60 -7.32 -16.93
CA GLY B 361 4.76 -8.52 -16.13
C GLY B 361 3.67 -8.65 -15.08
N VAL B 362 3.26 -7.51 -14.54
CA VAL B 362 2.20 -7.50 -13.53
C VAL B 362 0.92 -8.15 -14.07
N ARG B 363 0.57 -7.85 -15.32
CA ARG B 363 -0.62 -8.44 -15.96
C ARG B 363 -0.48 -9.95 -16.21
N VAL B 364 0.75 -10.38 -16.48
CA VAL B 364 1.05 -11.79 -16.67
C VAL B 364 1.05 -12.52 -15.32
N GLY B 365 1.65 -11.89 -14.33
CA GLY B 365 1.77 -12.47 -13.00
C GLY B 365 0.48 -12.42 -12.20
N VAL B 366 -0.36 -11.46 -12.51
CA VAL B 366 -1.65 -11.35 -11.84
C VAL B 366 -2.75 -11.35 -12.90
N PRO B 367 -2.95 -12.51 -13.57
CA PRO B 367 -3.85 -12.55 -14.71
C PRO B 367 -5.32 -12.48 -14.31
N GLN B 368 -6.14 -11.96 -15.22
CA GLN B 368 -7.59 -11.91 -15.06
C GLN B 368 -8.07 -11.15 -13.82
N VAL B 369 -7.50 -9.96 -13.61
CA VAL B 369 -8.04 -9.02 -12.63
C VAL B 369 -8.27 -7.70 -13.33
N SER B 370 -9.14 -6.86 -12.79
CA SER B 370 -9.44 -5.56 -13.36
C SER B 370 -8.19 -4.68 -13.45
N ASP B 371 -8.22 -3.70 -14.35
CA ASP B 371 -7.15 -2.72 -14.43
C ASP B 371 -6.89 -2.05 -13.08
N LEU B 372 -7.95 -1.76 -12.35
CA LEU B 372 -7.83 -1.11 -11.05
C LEU B 372 -7.03 -2.00 -10.11
N ALA B 373 -7.34 -3.30 -10.14
CA ALA B 373 -6.65 -4.29 -9.31
C ALA B 373 -5.17 -4.28 -9.66
N ALA B 374 -4.88 -4.28 -10.96
CA ALA B 374 -3.51 -4.19 -11.44
C ALA B 374 -2.82 -2.90 -10.95
N GLU B 375 -3.56 -1.79 -10.95
CA GLU B 375 -3.01 -0.53 -10.49
C GLU B 375 -2.66 -0.63 -9.00
N ALA B 376 -3.52 -1.29 -8.24
CA ALA B 376 -3.25 -1.48 -6.81
C ALA B 376 -1.98 -2.28 -6.59
N VAL B 377 -1.74 -3.29 -7.42
CA VAL B 377 -0.52 -4.08 -7.33
C VAL B 377 0.71 -3.22 -7.64
N VAL B 378 0.60 -2.41 -8.70
CA VAL B 378 1.69 -1.54 -9.10
C VAL B 378 2.01 -0.52 -8.01
N LEU B 379 0.98 0.02 -7.39
CA LEU B 379 1.14 0.96 -6.29
C LEU B 379 1.95 0.37 -5.14
N HIS B 380 1.62 -0.85 -4.74
N HIS B 380 1.60 -0.84 -4.73
CA HIS B 380 2.22 -1.43 -3.53
CA HIS B 380 2.21 -1.45 -3.57
C HIS B 380 3.59 -2.06 -3.77
C HIS B 380 3.66 -1.82 -3.84
N TYR B 381 3.92 -2.33 -5.04
CA TYR B 381 5.23 -2.90 -5.35
C TYR B 381 6.20 -1.95 -6.04
N THR B 382 5.74 -0.74 -6.34
CA THR B 382 6.66 0.28 -6.85
C THR B 382 7.33 1.00 -5.69
N ASP B 383 8.64 1.21 -5.79
CA ASP B 383 9.33 2.13 -4.88
C ASP B 383 9.33 3.48 -5.57
N TRP B 384 8.62 4.44 -4.99
CA TRP B 384 8.39 5.70 -5.69
C TRP B 384 9.54 6.70 -5.61
N LEU B 385 10.59 6.31 -4.89
CA LEU B 385 11.86 7.03 -4.93
C LEU B 385 12.80 6.48 -6.00
N HIS B 386 12.44 5.31 -6.53
CA HIS B 386 13.20 4.63 -7.58
C HIS B 386 12.25 3.84 -8.48
N PRO B 387 11.33 4.53 -9.18
CA PRO B 387 10.31 3.77 -9.91
C PRO B 387 10.83 2.99 -11.10
N GLU B 388 12.04 3.29 -11.55
CA GLU B 388 12.51 2.71 -12.81
C GLU B 388 13.81 1.94 -12.72
N ASP B 389 14.30 1.72 -11.50
CA ASP B 389 15.51 0.95 -11.31
C ASP B 389 15.31 -0.52 -11.71
N PRO B 390 16.05 -0.98 -12.73
CA PRO B 390 15.84 -2.35 -13.24
C PRO B 390 15.99 -3.46 -12.19
N ALA B 391 17.02 -3.41 -11.37
CA ALA B 391 17.22 -4.45 -10.36
C ALA B 391 16.08 -4.49 -9.35
N ARG B 392 15.63 -3.31 -8.91
CA ARG B 392 14.49 -3.23 -7.99
C ARG B 392 13.21 -3.76 -8.61
N LEU B 393 13.01 -3.43 -9.89
CA LEU B 393 11.85 -3.92 -10.64
C LEU B 393 11.82 -5.44 -10.77
N ARG B 394 12.98 -6.03 -11.08
CA ARG B 394 13.12 -7.47 -11.15
C ARG B 394 12.75 -8.13 -9.82
N GLU B 395 13.30 -7.61 -8.73
N GLU B 395 13.29 -7.60 -8.73
CA GLU B 395 13.00 -8.13 -7.39
CA GLU B 395 13.01 -8.10 -7.39
C GLU B 395 11.51 -7.97 -7.07
C GLU B 395 11.52 -7.96 -7.05
N ALA B 396 10.93 -6.84 -7.49
CA ALA B 396 9.53 -6.55 -7.20
C ALA B 396 8.57 -7.50 -7.95
N LEU B 397 8.82 -7.74 -9.22
CA LEU B 397 7.99 -8.67 -9.97
C LEU B 397 8.08 -10.06 -9.36
N SER B 398 9.28 -10.45 -8.96
CA SER B 398 9.46 -11.73 -8.28
C SER B 398 8.61 -11.79 -7.00
N ASP B 399 8.61 -10.71 -6.22
CA ASP B 399 7.78 -10.63 -5.02
C ASP B 399 6.29 -10.66 -5.36
N VAL B 400 5.89 -9.93 -6.39
CA VAL B 400 4.49 -9.96 -6.81
C VAL B 400 4.04 -11.40 -7.07
N VAL B 401 4.76 -12.08 -7.94
CA VAL B 401 4.40 -13.44 -8.31
C VAL B 401 4.49 -14.36 -7.10
N GLY B 402 5.56 -14.25 -6.34
CA GLY B 402 5.75 -15.10 -5.17
C GLY B 402 4.75 -14.86 -4.05
N ASP B 403 4.46 -13.59 -3.74
CA ASP B 403 3.52 -13.24 -2.68
C ASP B 403 2.11 -13.71 -3.00
N HIS B 404 1.66 -13.37 -4.20
CA HIS B 404 0.32 -13.65 -4.68
C HIS B 404 0.03 -15.16 -4.73
N ASN B 405 0.96 -15.93 -5.24
CA ASN B 405 0.75 -17.35 -5.45
C ASN B 405 1.12 -18.26 -4.28
N VAL B 406 2.10 -17.86 -3.46
CA VAL B 406 2.62 -18.75 -2.44
C VAL B 406 2.66 -18.16 -1.03
N VAL B 407 3.47 -17.12 -0.81
CA VAL B 407 3.69 -16.60 0.54
C VAL B 407 2.40 -16.14 1.21
N CYS B 408 1.61 -15.33 0.52
CA CYS B 408 0.38 -14.84 1.16
C CYS B 408 -0.70 -15.94 1.37
N PRO B 409 -0.94 -16.82 0.36
CA PRO B 409 -1.83 -17.96 0.67
C PRO B 409 -1.37 -18.80 1.87
N VAL B 410 -0.07 -19.10 1.96
CA VAL B 410 0.47 -19.81 3.12
C VAL B 410 0.24 -19.03 4.43
N ALA B 411 0.49 -17.72 4.39
CA ALA B 411 0.32 -16.88 5.59
C ALA B 411 -1.14 -16.84 6.06
N GLN B 412 -2.07 -16.68 5.13
CA GLN B 412 -3.48 -16.73 5.51
C GLN B 412 -3.86 -18.06 6.16
N LEU B 413 -3.37 -19.16 5.57
CA LEU B 413 -3.63 -20.49 6.11
C LEU B 413 -3.04 -20.61 7.52
N ALA B 414 -1.77 -20.29 7.65
CA ALA B 414 -1.09 -20.36 8.94
C ALA B 414 -1.82 -19.53 9.99
N GLY B 415 -2.15 -18.30 9.63
CA GLY B 415 -2.81 -17.38 10.55
C GLY B 415 -4.18 -17.85 10.99
N ARG B 416 -4.98 -18.29 10.03
CA ARG B 416 -6.32 -18.76 10.34
C ARG B 416 -6.34 -20.07 11.12
N LEU B 417 -5.45 -21.00 10.78
CA LEU B 417 -5.38 -22.27 11.50
C LEU B 417 -4.98 -22.01 12.95
N ALA B 418 -3.97 -21.16 13.15
CA ALA B 418 -3.54 -20.80 14.50
C ALA B 418 -4.69 -20.21 15.31
N ALA B 419 -5.34 -19.19 14.76
CA ALA B 419 -6.44 -18.51 15.46
C ALA B 419 -7.60 -19.45 15.74
N GLN B 420 -7.71 -20.55 15.00
CA GLN B 420 -8.85 -21.43 15.16
C GLN B 420 -8.52 -22.79 15.75
N GLY B 421 -7.42 -22.86 16.49
CA GLY B 421 -7.16 -24.03 17.32
C GLY B 421 -5.97 -24.91 17.01
N ALA B 422 -5.32 -24.68 15.86
CA ALA B 422 -4.21 -25.54 15.47
C ALA B 422 -2.90 -25.04 16.04
N ARG B 423 -2.03 -25.96 16.41
CA ARG B 423 -0.65 -25.57 16.70
C ARG B 423 0.10 -25.50 15.36
N VAL B 424 0.61 -24.33 15.02
CA VAL B 424 1.24 -24.10 13.73
C VAL B 424 2.71 -23.75 13.92
N TYR B 425 3.57 -24.27 13.06
CA TYR B 425 4.97 -23.87 13.01
C TYR B 425 5.30 -23.41 11.60
N ALA B 426 6.07 -22.33 11.49
CA ALA B 426 6.34 -21.72 10.19
C ALA B 426 7.82 -21.48 10.00
N TYR B 427 8.27 -21.57 8.75
CA TYR B 427 9.69 -21.42 8.48
C TYR B 427 9.86 -20.65 7.19
N VAL B 428 11.06 -20.09 7.01
CA VAL B 428 11.47 -19.60 5.72
C VAL B 428 12.81 -20.27 5.45
N PHE B 429 12.92 -20.89 4.28
CA PHE B 429 14.11 -21.66 3.93
C PHE B 429 15.03 -20.76 3.14
N GLU B 430 16.22 -20.53 3.66
CA GLU B 430 17.05 -19.46 3.12
C GLU B 430 18.39 -19.91 2.60
N HIS B 431 18.60 -21.22 2.60
CA HIS B 431 19.86 -21.74 2.09
C HIS B 431 19.81 -21.99 0.58
N ARG B 432 20.78 -21.44 -0.12
CA ARG B 432 20.92 -21.68 -1.54
C ARG B 432 21.97 -22.76 -1.74
N ALA B 433 21.54 -23.90 -2.28
CA ALA B 433 22.40 -25.07 -2.41
C ALA B 433 23.67 -24.76 -3.19
N SER B 434 24.81 -25.22 -2.67
CA SER B 434 26.09 -25.08 -3.35
C SER B 434 26.03 -25.65 -4.77
N THR B 435 25.11 -26.58 -5.01
CA THR B 435 25.00 -27.26 -6.32
C THR B 435 23.99 -26.63 -7.25
N LEU B 436 23.34 -25.55 -6.81
CA LEU B 436 22.29 -24.92 -7.59
C LEU B 436 22.83 -24.37 -8.90
N SER B 437 22.14 -24.66 -10.00
CA SER B 437 22.58 -24.26 -11.33
C SER B 437 21.83 -23.03 -11.91
N TRP B 438 20.78 -22.59 -11.23
CA TRP B 438 20.09 -21.36 -11.62
C TRP B 438 20.96 -20.17 -11.27
N PRO B 439 20.86 -19.07 -12.05
CA PRO B 439 21.66 -17.86 -11.80
C PRO B 439 21.47 -17.29 -10.40
N LEU B 440 22.45 -16.52 -9.95
CA LEU B 440 22.48 -16.02 -8.59
C LEU B 440 21.30 -15.12 -8.27
N TRP B 441 20.82 -14.38 -9.26
CA TRP B 441 19.74 -13.43 -9.03
C TRP B 441 18.42 -14.09 -8.59
N MET B 442 18.27 -15.39 -8.88
CA MET B 442 17.04 -16.08 -8.52
C MET B 442 16.98 -16.45 -7.04
N GLY B 443 18.10 -16.28 -6.34
CA GLY B 443 18.16 -16.58 -4.92
C GLY B 443 17.88 -18.04 -4.62
N VAL B 444 16.97 -18.29 -3.68
CA VAL B 444 16.55 -19.64 -3.35
C VAL B 444 15.17 -19.91 -3.94
N PRO B 445 15.12 -20.52 -5.13
CA PRO B 445 13.86 -20.56 -5.87
C PRO B 445 12.91 -21.66 -5.40
N HIS B 446 11.69 -21.57 -5.90
CA HIS B 446 10.64 -22.54 -5.61
C HIS B 446 11.11 -23.98 -5.86
N GLY B 447 10.98 -24.81 -4.83
CA GLY B 447 11.27 -26.22 -4.96
C GLY B 447 12.62 -26.69 -4.48
N TYR B 448 13.47 -25.75 -4.06
CA TYR B 448 14.86 -26.13 -3.79
C TYR B 448 15.23 -26.37 -2.34
N GLU B 449 14.21 -26.47 -1.48
CA GLU B 449 14.43 -26.97 -0.13
C GLU B 449 14.21 -28.48 -0.07
N ILE B 450 13.53 -29.05 -1.07
CA ILE B 450 13.08 -30.45 -1.01
C ILE B 450 14.25 -31.40 -0.84
N GLU B 451 15.29 -31.21 -1.65
CA GLU B 451 16.46 -32.07 -1.63
C GLU B 451 17.10 -32.14 -0.24
N PHE B 452 16.98 -31.05 0.51
CA PHE B 452 17.49 -31.00 1.88
C PHE B 452 16.59 -31.74 2.86
N ILE B 453 15.27 -31.59 2.71
CA ILE B 453 14.31 -32.27 3.58
C ILE B 453 14.40 -33.80 3.39
N PHE B 454 14.75 -34.24 2.19
CA PHE B 454 14.82 -35.66 1.90
C PHE B 454 16.22 -36.22 2.17
N GLY B 455 17.15 -35.34 2.53
CA GLY B 455 18.49 -35.78 2.89
C GLY B 455 19.38 -36.16 1.72
N ILE B 456 18.97 -35.73 0.53
CA ILE B 456 19.77 -35.94 -0.68
C ILE B 456 21.26 -35.59 -0.55
N PRO B 457 21.62 -34.55 0.24
CA PRO B 457 23.07 -34.32 0.38
C PRO B 457 23.88 -35.48 0.97
N LEU B 458 23.24 -36.41 1.67
CA LEU B 458 23.97 -37.59 2.18
C LEU B 458 24.36 -38.57 1.08
N ASP B 459 23.81 -38.38 -0.12
CA ASP B 459 24.10 -39.26 -1.25
C ASP B 459 25.56 -39.09 -1.66
N PRO B 460 26.36 -40.15 -1.46
CA PRO B 460 27.81 -40.09 -1.67
C PRO B 460 28.21 -39.64 -3.07
N SER B 461 27.37 -39.96 -4.06
CA SER B 461 27.67 -39.66 -5.45
C SER B 461 27.45 -38.19 -5.78
N ARG B 462 26.89 -37.45 -4.84
CA ARG B 462 26.64 -36.03 -5.05
C ARG B 462 27.68 -35.17 -4.32
N ASN B 463 27.78 -33.90 -4.70
CA ASN B 463 28.90 -33.07 -4.29
C ASN B 463 28.53 -31.93 -3.35
N TYR B 464 27.67 -32.21 -2.38
CA TYR B 464 27.29 -31.23 -1.38
C TYR B 464 28.42 -31.02 -0.37
N THR B 465 28.53 -29.81 0.17
CA THR B 465 29.51 -29.56 1.22
C THR B 465 29.17 -30.35 2.47
N ALA B 466 30.13 -30.50 3.36
CA ALA B 466 29.90 -31.17 4.63
C ALA B 466 28.86 -30.44 5.48
N GLU B 467 28.88 -29.11 5.42
CA GLU B 467 27.92 -28.28 6.18
C GLU B 467 26.50 -28.55 5.72
N GLU B 468 26.35 -28.70 4.41
CA GLU B 468 25.05 -29.02 3.83
C GLU B 468 24.56 -30.37 4.29
N LYS B 469 25.49 -31.29 4.58
CA LYS B 469 25.09 -32.60 5.08
C LYS B 469 24.59 -32.47 6.52
N ILE B 470 25.27 -31.63 7.29
CA ILE B 470 24.85 -31.35 8.66
C ILE B 470 23.47 -30.70 8.66
N PHE B 471 23.29 -29.73 7.78
CA PHE B 471 22.02 -29.02 7.60
C PHE B 471 20.88 -29.98 7.23
N ALA B 472 21.12 -30.84 6.26
CA ALA B 472 20.12 -31.84 5.86
C ALA B 472 19.69 -32.69 7.03
N GLN B 473 20.65 -33.12 7.85
CA GLN B 473 20.34 -33.92 9.03
C GLN B 473 19.50 -33.15 10.04
N ARG B 474 19.80 -31.85 10.20
CA ARG B 474 19.03 -30.96 11.06
C ARG B 474 17.59 -30.90 10.59
N LEU B 475 17.40 -30.63 9.30
CA LEU B 475 16.06 -30.52 8.73
C LEU B 475 15.26 -31.81 8.87
N MET B 476 15.88 -32.94 8.54
CA MET B 476 15.19 -34.23 8.64
C MET B 476 14.72 -34.46 10.06
N ARG B 477 15.57 -34.08 11.01
CA ARG B 477 15.27 -34.18 12.44
C ARG B 477 14.04 -33.34 12.83
N TYR B 478 13.99 -32.09 12.37
CA TYR B 478 12.81 -31.24 12.60
C TYR B 478 11.55 -31.90 12.04
N TRP B 479 11.61 -32.27 10.76
CA TRP B 479 10.46 -32.93 10.10
C TRP B 479 10.01 -34.18 10.85
N ALA B 480 10.98 -35.02 11.25
CA ALA B 480 10.63 -36.28 11.91
C ALA B 480 10.14 -36.03 13.34
N ASN B 481 10.75 -35.06 14.02
CA ASN B 481 10.25 -34.66 15.33
C ASN B 481 8.81 -34.20 15.22
N PHE B 482 8.53 -33.39 14.20
CA PHE B 482 7.16 -32.96 13.97
C PHE B 482 6.25 -34.16 13.70
N ALA B 483 6.70 -35.07 12.83
CA ALA B 483 5.92 -36.27 12.51
C ALA B 483 5.62 -37.07 13.77
N ARG B 484 6.65 -37.30 14.58
CA ARG B 484 6.50 -38.07 15.82
C ARG B 484 5.62 -37.39 16.87
N THR B 485 5.93 -36.14 17.19
CA THR B 485 5.37 -35.49 18.37
C THR B 485 4.44 -34.31 18.08
N GLY B 486 4.46 -33.80 16.86
CA GLY B 486 3.66 -32.64 16.51
C GLY B 486 4.41 -31.36 16.82
N ASP B 487 5.71 -31.50 17.04
CA ASP B 487 6.56 -30.40 17.48
C ASP B 487 7.97 -30.67 16.95
N PRO B 488 8.50 -29.76 16.13
CA PRO B 488 9.82 -29.99 15.54
C PRO B 488 10.95 -29.88 16.54
N ASN B 489 10.69 -29.32 17.72
CA ASN B 489 11.74 -29.12 18.72
C ASN B 489 12.19 -30.41 19.38
N GLU B 490 13.46 -30.46 19.74
CA GLU B 490 14.05 -31.66 20.34
C GLU B 490 13.50 -31.99 21.74
N PRO B 491 12.82 -33.15 21.86
CA PRO B 491 12.24 -33.67 23.10
C PRO B 491 13.16 -33.49 24.31
N PRO B 494 17.61 -28.80 23.92
CA PRO B 494 18.19 -28.37 25.20
C PRO B 494 18.59 -26.88 25.21
N LYS B 495 19.89 -26.61 25.05
CA LYS B 495 20.39 -25.24 24.93
C LYS B 495 20.21 -24.76 23.49
N ALA B 496 19.85 -25.71 22.62
CA ALA B 496 19.53 -25.42 21.22
C ALA B 496 18.31 -24.52 21.12
N PRO B 497 18.35 -23.53 20.21
CA PRO B 497 17.33 -22.48 20.12
C PRO B 497 15.95 -23.04 19.76
N GLN B 498 14.91 -22.54 20.43
CA GLN B 498 13.58 -23.10 20.27
C GLN B 498 12.84 -22.52 19.08
N TRP B 499 12.08 -23.37 18.41
CA TRP B 499 11.21 -22.97 17.31
C TRP B 499 9.82 -22.72 17.88
N PRO B 500 9.42 -21.44 18.00
CA PRO B 500 8.14 -21.11 18.64
C PRO B 500 6.98 -21.30 17.69
N PRO B 501 5.78 -21.60 18.22
CA PRO B 501 4.59 -21.65 17.39
C PRO B 501 4.32 -20.33 16.67
N TYR B 502 3.77 -20.44 15.46
CA TYR B 502 3.27 -19.29 14.73
C TYR B 502 1.87 -18.96 15.24
N THR B 503 1.61 -17.67 15.45
CA THR B 503 0.31 -17.20 15.94
C THR B 503 -0.13 -15.99 15.12
N ALA B 504 -1.44 -15.75 15.06
CA ALA B 504 -1.95 -14.65 14.25
C ALA B 504 -1.43 -13.27 14.72
N GLY B 505 -1.08 -13.14 16.00
CA GLY B 505 -0.58 -11.87 16.53
C GLY B 505 0.92 -11.70 16.42
N ALA B 506 1.68 -12.52 17.14
CA ALA B 506 3.14 -12.43 17.07
C ALA B 506 3.70 -12.86 15.71
N GLN B 507 3.03 -13.79 15.03
CA GLN B 507 3.41 -14.21 13.68
C GLN B 507 4.89 -14.64 13.57
N GLN B 508 5.36 -15.39 14.56
CA GLN B 508 6.75 -15.82 14.58
C GLN B 508 7.05 -17.04 13.68
N TYR B 509 8.21 -17.01 13.05
CA TYR B 509 8.68 -18.12 12.21
C TYR B 509 10.21 -18.16 12.31
N VAL B 510 10.81 -19.25 11.83
CA VAL B 510 12.27 -19.36 11.87
C VAL B 510 12.89 -19.39 10.48
N SER B 511 14.11 -18.87 10.38
CA SER B 511 14.91 -19.00 9.19
C SER B 511 15.62 -20.37 9.23
N LEU B 512 15.56 -21.09 8.12
CA LEU B 512 16.28 -22.34 8.01
C LEU B 512 17.44 -22.13 7.06
N ASP B 513 18.65 -22.16 7.61
CA ASP B 513 19.87 -22.13 6.81
C ASP B 513 21.02 -22.73 7.63
N LEU B 514 22.26 -22.51 7.17
CA LEU B 514 23.44 -23.05 7.84
C LEU B 514 23.65 -22.53 9.26
N ARG B 515 23.20 -21.31 9.54
CA ARG B 515 23.27 -20.72 10.88
C ARG B 515 22.19 -21.35 11.75
N PRO B 516 22.28 -21.21 13.09
CA PRO B 516 21.20 -21.75 13.92
C PRO B 516 19.88 -21.01 13.72
N LEU B 517 18.80 -21.56 14.28
CA LEU B 517 17.48 -20.95 14.19
C LEU B 517 17.50 -19.50 14.63
N GLU B 518 16.99 -18.62 13.79
CA GLU B 518 16.75 -17.23 14.16
C GLU B 518 15.26 -16.98 14.06
N VAL B 519 14.67 -16.43 15.13
CA VAL B 519 13.23 -16.15 15.15
C VAL B 519 12.94 -14.78 14.56
N ARG B 520 11.93 -14.72 13.67
CA ARG B 520 11.52 -13.47 13.04
C ARG B 520 10.02 -13.30 13.08
N ARG B 521 9.53 -12.13 12.69
CA ARG B 521 8.10 -11.84 12.76
C ARG B 521 7.50 -11.45 11.40
N GLY B 522 6.32 -11.99 11.12
CA GLY B 522 5.59 -11.66 9.92
C GLY B 522 6.08 -12.32 8.63
N LEU B 523 5.19 -13.08 8.00
CA LEU B 523 5.45 -13.61 6.66
C LEU B 523 5.04 -12.57 5.62
N ARG B 524 5.96 -11.66 5.29
N ARG B 524 5.97 -11.66 5.31
CA ARG B 524 5.65 -10.56 4.37
CA ARG B 524 5.73 -10.52 4.44
C ARG B 524 4.36 -9.85 4.78
C ARG B 524 4.40 -9.86 4.78
N ALA B 525 4.25 -9.51 6.06
CA ALA B 525 2.99 -9.01 6.62
C ALA B 525 2.36 -7.82 5.89
N GLN B 526 3.17 -6.82 5.55
CA GLN B 526 2.65 -5.66 4.83
C GLN B 526 2.13 -6.05 3.47
N ALA B 527 2.92 -6.83 2.74
CA ALA B 527 2.50 -7.33 1.43
C ALA B 527 1.24 -8.19 1.54
N CYS B 528 1.23 -9.11 2.48
CA CYS B 528 0.12 -10.07 2.55
C CYS B 528 -1.20 -9.46 3.03
N ALA B 529 -1.13 -8.31 3.71
CA ALA B 529 -2.33 -7.58 4.09
C ALA B 529 -3.00 -7.09 2.81
N PHE B 530 -2.18 -6.65 1.87
CA PHE B 530 -2.71 -6.25 0.58
C PHE B 530 -3.43 -7.42 -0.09
N TRP B 531 -2.75 -8.56 -0.22
CA TRP B 531 -3.32 -9.69 -0.97
C TRP B 531 -4.48 -10.36 -0.24
N ASN B 532 -4.36 -10.52 1.08
CA ASN B 532 -5.37 -11.25 1.85
C ASN B 532 -6.53 -10.41 2.41
N ARG B 533 -6.29 -9.13 2.66
CA ARG B 533 -7.34 -8.31 3.28
C ARG B 533 -7.95 -7.29 2.35
N PHE B 534 -7.12 -6.55 1.62
CA PHE B 534 -7.66 -5.49 0.80
C PHE B 534 -8.13 -5.92 -0.57
N LEU B 535 -7.23 -6.54 -1.34
CA LEU B 535 -7.52 -6.93 -2.72
C LEU B 535 -8.84 -7.67 -2.91
N PRO B 536 -9.15 -8.64 -2.03
CA PRO B 536 -10.45 -9.29 -2.24
C PRO B 536 -11.64 -8.34 -2.12
N LYS B 537 -11.54 -7.31 -1.28
CA LYS B 537 -12.61 -6.30 -1.16
C LYS B 537 -12.72 -5.47 -2.44
N LEU B 538 -11.57 -5.20 -3.05
CA LEU B 538 -11.53 -4.45 -4.29
C LEU B 538 -12.18 -5.24 -5.42
N LEU B 539 -11.90 -6.54 -5.47
CA LEU B 539 -12.46 -7.41 -6.52
C LEU B 539 -13.98 -7.58 -6.42
N SER B 540 -14.53 -7.48 -5.21
CA SER B 540 -15.98 -7.55 -5.00
C SER B 540 -16.70 -6.27 -5.43
N ALA B 541 -15.99 -5.15 -5.36
CA ALA B 541 -16.57 -3.85 -5.70
C ALA B 541 -16.11 -3.36 -7.08
C1 NAG C . -7.71 11.84 26.39
C2 NAG C . -8.30 10.46 26.77
C3 NAG C . -9.66 10.12 26.13
C4 NAG C . -10.58 11.32 25.97
C5 NAG C . -9.79 12.52 25.45
C6 NAG C . -10.65 13.77 25.30
C7 NAG C . -6.45 8.94 27.19
C8 NAG C . -6.87 8.73 28.62
N2 NAG C . -7.38 9.41 26.36
O3 NAG C . -10.30 9.12 26.89
O4 NAG C . -11.61 10.97 25.07
O5 NAG C . -8.74 12.80 26.35
O6 NAG C . -11.52 13.86 26.40
O7 NAG C . -5.30 8.68 26.81
C1 NAG C . -12.95 11.06 25.68
C2 NAG C . -14.00 11.20 24.58
C3 NAG C . -15.44 11.24 25.10
C4 NAG C . -15.66 10.16 26.15
C5 NAG C . -14.53 10.20 27.18
C6 NAG C . -14.72 9.18 28.30
C7 NAG C . -13.25 12.27 22.54
C8 NAG C . -12.46 13.42 22.01
N2 NAG C . -13.72 12.39 23.79
O3 NAG C . -16.34 11.09 24.04
O4 NAG C . -16.92 10.34 26.80
O5 NAG C . -13.29 9.99 26.54
O6 NAG C . -13.73 9.43 29.28
O7 NAG C . -13.46 11.26 21.86
C1 FUC C . -11.38 15.13 27.12
C2 FUC C . -12.45 15.12 28.24
C3 FUC C . -12.00 14.18 29.36
C4 FUC C . -10.69 14.70 29.93
C5 FUC C . -9.64 14.66 28.81
C6 FUC C . -8.27 15.20 29.23
O2 FUC C . -13.73 14.75 27.73
O3 FUC C . -12.96 14.16 30.41
O4 FUC C . -10.86 16.04 30.38
O5 FUC C . -10.07 15.39 27.61
C1 NAG D . 17.51 -11.55 -21.33
C2 NAG D . 17.53 -10.33 -22.23
C3 NAG D . 16.16 -10.05 -22.87
C4 NAG D . 15.62 -11.29 -23.56
C5 NAG D . 15.65 -12.44 -22.55
C6 NAG D . 15.13 -13.76 -23.14
C7 NAG D . 19.13 -8.54 -21.78
C8 NAG D . 19.95 -9.09 -22.92
N2 NAG D . 17.98 -9.17 -21.49
O3 NAG D . 16.28 -8.97 -23.77
O4 NAG D . 14.31 -11.00 -24.01
O5 NAG D . 16.95 -12.65 -22.04
O6 NAG D . 15.60 -13.89 -24.48
O7 NAG D . 19.52 -7.56 -21.16
C1 NAG D . 14.11 -11.28 -25.48
C2 NAG D . 12.65 -11.66 -25.73
C3 NAG D . 12.41 -12.07 -27.18
C4 NAG D . 12.94 -10.99 -28.11
C5 NAG D . 14.36 -10.54 -27.74
C6 NAG D . 14.73 -9.31 -28.56
C7 NAG D . 11.44 -12.29 -23.75
C8 NAG D . 10.86 -13.39 -22.90
N2 NAG D . 12.20 -12.67 -24.78
O3 NAG D . 11.03 -12.23 -27.42
O4 NAG D . 12.91 -11.46 -29.45
O5 NAG D . 14.48 -10.23 -26.36
O6 NAG D . 15.89 -8.72 -28.01
O7 NAG D . 11.20 -11.12 -23.48
C1 FUC D . 16.36 -15.13 -24.69
C2 FUC D . 16.83 -15.10 -26.14
C3 FUC D . 17.94 -14.05 -26.30
C4 FUC D . 19.13 -14.44 -25.41
C5 FUC D . 18.65 -14.57 -23.94
C6 FUC D . 19.70 -15.19 -23.00
O2 FUC D . 15.76 -14.83 -27.02
O3 FUC D . 18.40 -13.98 -27.65
O4 FUC D . 19.69 -15.68 -25.84
O5 FUC D . 17.43 -15.37 -23.78
C1 GNT E . -5.35 29.34 11.65
C2 GNT E . -4.52 30.04 10.90
C3 GNT E . -3.25 29.49 10.27
C4 GNT E . -2.78 28.27 11.07
C41 GNT E . -3.91 27.27 11.33
C42 GNT E . -5.19 27.85 11.96
O5 GNT E . -4.31 26.60 10.13
C6 GNT E . -6.51 25.65 9.23
C7 GNT E . -7.90 25.65 9.48
C8 GNT E . -8.47 26.36 10.55
C9 GNT E . -8.35 27.89 12.58
N10 GNT E . -7.74 27.48 13.87
C11 GNT E . -6.48 28.21 14.10
C12 GNT E . -5.28 27.53 13.46
C13 GNT E . -5.66 26.43 10.13
C14 GNT E . -6.26 27.15 11.22
C15 GNT E . -7.72 27.12 11.44
C16 GNT E . -6.81 24.37 7.23
O17 GNT E . -5.95 24.96 8.19
O18 GNT E . -3.48 29.16 8.89
C19 GNT E . -8.65 27.83 14.96
C1 EDO F . -0.19 2.18 12.99
O1 EDO F . 0.39 2.26 11.67
C2 EDO F . -1.04 0.93 13.12
O2 EDO F . -0.23 -0.25 13.00
C1 EDO G . 5.95 10.51 -5.82
O1 EDO G . 6.19 10.51 -7.23
C2 EDO G . 4.73 9.66 -5.51
O2 EDO G . 3.57 10.16 -6.19
C1 NAG H . -25.90 -39.21 -24.06
C2 NAG H . -27.15 -39.52 -23.25
C3 NAG H . -27.20 -41.00 -22.83
C4 NAG H . -26.96 -41.91 -24.04
C5 NAG H . -25.63 -41.51 -24.69
C6 NAG H . -25.18 -42.47 -25.81
C7 NAG H . -27.98 -37.61 -21.96
C8 NAG H . -28.03 -36.95 -20.62
N2 NAG H . -27.18 -38.67 -22.07
O3 NAG H . -28.43 -41.31 -22.24
O4 NAG H . -26.95 -43.27 -23.64
O5 NAG H . -25.68 -40.14 -25.12
O6 NAG H . -26.25 -43.25 -26.29
O7 NAG H . -28.65 -37.18 -22.91
C1 GNT I . 8.02 -29.18 -10.22
C2 GNT I . 7.87 -29.82 -9.06
C3 GNT I . 8.05 -29.16 -7.71
C4 GNT I . 8.98 -27.96 -7.85
C41 GNT I . 8.52 -27.03 -8.97
C42 GNT I . 8.35 -27.71 -10.36
O5 GNT I . 7.25 -26.45 -8.62
C6 GNT I . 5.25 -25.56 -9.95
C7 GNT I . 4.69 -25.57 -11.22
C8 GNT I . 5.27 -26.27 -12.30
C9 GNT I . 7.05 -27.74 -13.35
N10 GNT I . 8.45 -27.32 -13.56
C11 GNT I . 9.35 -28.08 -12.68
C12 GNT I . 9.54 -27.45 -11.30
C13 GNT I . 6.49 -26.31 -9.74
C14 GNT I . 7.10 -27.03 -10.84
C15 GNT I . 6.45 -27.01 -12.17
C16 GNT I . 3.37 -24.35 -9.03
O17 GNT I . 4.67 -24.88 -8.91
O18 GNT I . 6.80 -28.73 -7.15
C19 GNT I . 8.79 -27.61 -14.96
C1 EDO J . 10.94 -0.28 -8.36
O1 EDO J . 10.17 0.85 -7.92
C2 EDO J . 10.18 -1.56 -7.98
O2 EDO J . 9.96 -1.52 -6.56
N NO3 K . -20.76 -26.65 -14.65
O1 NO3 K . -21.65 -27.06 -13.65
O2 NO3 K . -20.58 -25.29 -14.94
O3 NO3 K . -20.03 -27.60 -15.36
N NO3 L . -1.33 -9.77 8.05
O1 NO3 L . -2.42 -9.77 7.15
O2 NO3 L . -0.08 -9.38 7.60
O3 NO3 L . -1.48 -10.17 9.40
O1 PE8 M . -25.13 -32.40 -5.93
C2 PE8 M . -25.54 -31.09 -5.99
C3 PE8 M . -25.24 -30.31 -7.24
O4 PE8 M . -24.34 -29.27 -7.13
C5 PE8 M . -23.76 -28.72 -8.27
C6 PE8 M . -22.88 -29.57 -9.14
O7 PE8 M . -22.47 -30.81 -8.68
C8 PE8 M . -21.20 -31.29 -8.93
C9 PE8 M . -20.88 -32.68 -8.50
O10 PE8 M . -20.93 -32.98 -7.16
C11 PE8 M . -21.50 -34.16 -6.70
C12 PE8 M . -21.65 -34.35 -5.23
O13 PE8 M . -22.43 -33.45 -4.52
C14 PE8 M . -22.06 -33.08 -3.24
C15 PE8 M . -22.93 -32.10 -2.50
O16 PE8 M . -23.14 -30.85 -3.06
C17 PE8 M . -23.21 -29.72 -2.25
C18 PE8 M . -22.75 -28.42 -2.82
O19 PE8 M . -23.06 -28.13 -4.15
C20 PE8 M . -22.28 -27.25 -4.88
C21 PE8 M . -21.74 -26.03 -4.21
O22 PE8 M . -20.58 -25.44 -4.70
C23 PE8 M . -19.81 -24.67 -3.87
C24 PE8 M . -20.44 -24.13 -2.63
O25 PE8 M . -20.09 -22.85 -2.22
#